data_1O26
#
_entry.id   1O26
#
_cell.length_a   55.561
_cell.length_b   117.730
_cell.length_c   141.878
_cell.angle_alpha   90.00
_cell.angle_beta   90.00
_cell.angle_gamma   90.00
#
_symmetry.space_group_name_H-M   'P 21 21 21'
#
loop_
_entity.id
_entity.type
_entity.pdbx_description
1 polymer 'Thymidylate synthase thyX'
2 non-polymer "2'-DEOXYURIDINE 5'-MONOPHOSPHATE"
3 non-polymer 'FLAVIN-ADENINE DINUCLEOTIDE'
4 non-polymer 'TRIETHYLENE GLYCOL'
5 water water
#
_entity_poly.entity_id   1
_entity_poly.type   'polypeptide(L)'
_entity_poly.pdbx_seq_one_letter_code
;MGSDKIHHHHHHMKIDILDKGFVELVDVMGNDLSAVRAARVSFDMGLKDEERDRHLIEYLMKHGHETPFEHIVFTFHVKA
PIFVARQWFRHRIASYNELSGRYSKLSYEFYIPSPERLEGYKTTIPPERVTEKISEIVDKAYRTYLELIESGVPREVARI
VLPLNLYTRFFWTVNARSLMNFLNLRADSHAQWEIQQYALAIARIFKEKCPWTFEAFLKYAYKGDILKEVQV
;
_entity_poly.pdbx_strand_id   A,B,C,D
#
loop_
_chem_comp.id
_chem_comp.type
_chem_comp.name
_chem_comp.formula
FAD non-polymer 'FLAVIN-ADENINE DINUCLEOTIDE' 'C27 H33 N9 O15 P2'
PGE non-polymer 'TRIETHYLENE GLYCOL' 'C6 H14 O4'
UMP non-polymer '2'-DEOXYURIDINE 5'-MONOPHOSPHATE' 'C9 H13 N2 O8 P'
#
# COMPACT_ATOMS: atom_id res chain seq x y z
N HIS A 11 -0.92 -6.03 -25.56
CA HIS A 11 -0.19 -6.18 -26.84
C HIS A 11 1.24 -5.66 -26.72
N HIS A 12 1.72 -4.97 -27.74
CA HIS A 12 3.06 -4.43 -27.72
C HIS A 12 3.20 -3.09 -28.44
N MET A 13 4.03 -2.23 -27.85
CA MET A 13 4.30 -0.90 -28.36
C MET A 13 5.64 -0.52 -27.77
N LYS A 14 6.42 0.24 -28.51
CA LYS A 14 7.71 0.68 -28.02
C LYS A 14 7.99 2.10 -28.48
N ILE A 15 8.42 2.94 -27.55
CA ILE A 15 8.72 4.33 -27.85
C ILE A 15 10.14 4.64 -27.36
N ASP A 16 10.97 5.21 -28.23
CA ASP A 16 12.34 5.52 -27.84
C ASP A 16 12.37 6.87 -27.13
N ILE A 17 13.16 6.93 -26.06
CA ILE A 17 13.27 8.14 -25.25
C ILE A 17 14.74 8.49 -25.01
N LEU A 18 15.04 9.79 -24.99
CA LEU A 18 16.40 10.27 -24.76
C LEU A 18 17.34 9.68 -25.82
N ASP A 19 18.62 9.52 -25.49
CA ASP A 19 19.55 8.99 -26.48
C ASP A 19 19.59 7.48 -26.62
N LYS A 20 19.31 6.75 -25.54
CA LYS A 20 19.36 5.29 -25.61
C LYS A 20 18.23 4.62 -24.82
N GLY A 21 17.27 5.40 -24.35
CA GLY A 21 16.19 4.81 -23.57
C GLY A 21 14.97 4.39 -24.36
N PHE A 22 14.01 3.78 -23.66
CA PHE A 22 12.76 3.37 -24.27
C PHE A 22 11.75 2.99 -23.21
N VAL A 23 10.50 2.90 -23.66
CA VAL A 23 9.37 2.46 -22.86
C VAL A 23 8.67 1.48 -23.76
N GLU A 24 8.50 0.24 -23.28
CA GLU A 24 7.85 -0.82 -24.04
C GLU A 24 6.68 -1.39 -23.24
N LEU A 25 5.53 -1.55 -23.89
CA LEU A 25 4.37 -2.13 -23.22
C LEU A 25 4.52 -3.65 -23.34
N VAL A 26 4.54 -4.36 -22.21
CA VAL A 26 4.69 -5.80 -22.18
C VAL A 26 3.33 -6.49 -22.25
N ASP A 27 2.40 -6.03 -21.43
CA ASP A 27 1.07 -6.61 -21.42
C ASP A 27 0.11 -5.69 -20.70
N VAL A 28 -1.17 -6.01 -20.81
CA VAL A 28 -2.21 -5.23 -20.19
C VAL A 28 -3.37 -6.15 -19.86
N MET A 29 -4.01 -5.90 -18.73
CA MET A 29 -5.17 -6.68 -18.34
C MET A 29 -6.29 -5.67 -18.17
N GLY A 30 -7.42 -5.93 -18.83
CA GLY A 30 -8.55 -5.03 -18.75
C GLY A 30 -8.50 -3.91 -19.76
N ASN A 31 -9.60 -3.15 -19.83
CA ASN A 31 -9.71 -2.02 -20.74
C ASN A 31 -10.80 -1.13 -20.17
N ASP A 32 -11.21 -0.11 -20.92
CA ASP A 32 -12.25 0.80 -20.44
C ASP A 32 -13.49 0.09 -19.89
N LEU A 33 -13.88 -1.02 -20.50
CA LEU A 33 -15.08 -1.74 -20.07
C LEU A 33 -14.91 -2.43 -18.72
N SER A 34 -13.67 -2.66 -18.33
CA SER A 34 -13.40 -3.29 -17.05
C SER A 34 -13.84 -2.33 -15.95
N ALA A 35 -13.56 -1.04 -16.15
CA ALA A 35 -13.95 -0.03 -15.16
C ALA A 35 -15.47 0.13 -15.15
N VAL A 36 -16.09 0.11 -16.33
CA VAL A 36 -17.54 0.23 -16.39
C VAL A 36 -18.20 -0.88 -15.58
N ARG A 37 -17.74 -2.11 -15.79
CA ARG A 37 -18.28 -3.25 -15.10
C ARG A 37 -18.06 -3.17 -13.58
N ALA A 38 -16.89 -2.70 -13.17
CA ALA A 38 -16.59 -2.61 -11.74
C ALA A 38 -17.47 -1.56 -11.08
N ALA A 39 -17.75 -0.49 -11.81
CA ALA A 39 -18.59 0.58 -11.29
C ALA A 39 -20.05 0.12 -11.17
N ARG A 40 -20.52 -0.57 -12.20
CA ARG A 40 -21.91 -1.03 -12.22
C ARG A 40 -22.27 -2.08 -11.18
N VAL A 41 -21.28 -2.83 -10.69
CA VAL A 41 -21.58 -3.85 -9.67
C VAL A 41 -22.26 -3.22 -8.45
N SER A 42 -22.00 -1.93 -8.22
CA SER A 42 -22.61 -1.22 -7.09
C SER A 42 -24.14 -1.31 -7.14
N PHE A 43 -24.67 -1.29 -8.36
CA PHE A 43 -26.12 -1.35 -8.58
C PHE A 43 -26.57 -2.73 -9.07
N ASP A 44 -25.71 -3.73 -8.90
CA ASP A 44 -26.00 -5.10 -9.32
C ASP A 44 -26.22 -5.22 -10.83
N MET A 45 -25.48 -4.41 -11.59
CA MET A 45 -25.60 -4.43 -13.04
C MET A 45 -24.26 -4.70 -13.71
N GLY A 46 -24.29 -4.83 -15.03
CA GLY A 46 -23.08 -5.07 -15.80
C GLY A 46 -23.01 -4.05 -16.92
N LEU A 47 -22.45 -4.46 -18.04
CA LEU A 47 -22.33 -3.56 -19.19
C LEU A 47 -23.72 -3.32 -19.77
N LYS A 48 -23.89 -2.19 -20.46
CA LYS A 48 -25.15 -1.85 -21.08
C LYS A 48 -24.95 -1.63 -22.57
N ASP A 49 -24.77 -0.37 -22.98
CA ASP A 49 -24.55 -0.06 -24.38
C ASP A 49 -23.31 0.81 -24.54
N GLU A 50 -22.72 0.73 -25.73
CA GLU A 50 -21.52 1.49 -26.05
C GLU A 50 -21.62 2.95 -25.66
N GLU A 51 -22.82 3.53 -25.82
CA GLU A 51 -23.02 4.94 -25.50
C GLU A 51 -23.18 5.21 -24.00
N ARG A 52 -24.02 4.44 -23.33
CA ARG A 52 -24.21 4.63 -21.89
C ARG A 52 -22.94 4.30 -21.11
N ASP A 53 -22.16 3.37 -21.65
CA ASP A 53 -20.94 2.97 -20.98
C ASP A 53 -19.86 4.05 -21.04
N ARG A 54 -19.62 4.61 -22.22
CA ARG A 54 -18.61 5.67 -22.31
C ARG A 54 -19.04 6.83 -21.44
N HIS A 55 -20.35 7.06 -21.38
CA HIS A 55 -20.89 8.13 -20.55
C HIS A 55 -20.61 7.87 -19.07
N LEU A 56 -20.67 6.60 -18.67
CA LEU A 56 -20.40 6.25 -17.28
C LEU A 56 -18.94 6.57 -16.96
N ILE A 57 -18.04 6.31 -17.90
CA ILE A 57 -16.62 6.58 -17.67
C ILE A 57 -16.35 8.06 -17.42
N GLU A 58 -16.97 8.92 -18.22
CA GLU A 58 -16.78 10.35 -18.01
C GLU A 58 -17.35 10.73 -16.64
N TYR A 59 -18.51 10.17 -16.30
CA TYR A 59 -19.16 10.42 -15.02
C TYR A 59 -18.26 10.04 -13.84
N LEU A 60 -17.63 8.88 -13.92
CA LEU A 60 -16.75 8.42 -12.85
C LEU A 60 -15.57 9.39 -12.69
N MET A 61 -15.00 9.80 -13.81
CA MET A 61 -13.86 10.70 -13.81
C MET A 61 -14.25 12.07 -13.24
N LYS A 62 -15.37 12.62 -13.72
CA LYS A 62 -15.85 13.92 -13.27
C LYS A 62 -16.07 13.99 -11.76
N HIS A 63 -16.65 12.92 -11.22
CA HIS A 63 -16.98 12.87 -9.80
C HIS A 63 -15.98 12.20 -8.87
N GLY A 64 -14.83 11.83 -9.40
CA GLY A 64 -13.80 11.22 -8.56
C GLY A 64 -14.01 9.78 -8.10
N HIS A 65 -14.77 8.98 -8.85
CA HIS A 65 -14.98 7.57 -8.51
C HIS A 65 -13.79 6.87 -9.15
N GLU A 66 -12.69 6.75 -8.42
CA GLU A 66 -11.47 6.19 -8.97
C GLU A 66 -11.21 4.69 -8.80
N THR A 67 -11.83 4.06 -7.81
CA THR A 67 -11.54 2.65 -7.62
C THR A 67 -11.82 1.72 -8.81
N PRO A 68 -12.85 2.03 -9.65
CA PRO A 68 -13.09 1.13 -10.78
C PRO A 68 -11.88 1.01 -11.72
N PHE A 69 -11.08 2.07 -11.79
CA PHE A 69 -9.90 2.08 -12.67
C PHE A 69 -8.72 1.24 -12.20
N GLU A 70 -8.80 0.76 -10.97
CA GLU A 70 -7.74 -0.07 -10.40
C GLU A 70 -7.73 -1.45 -11.05
N HIS A 71 -8.81 -1.83 -11.71
CA HIS A 71 -8.89 -3.16 -12.33
C HIS A 71 -8.22 -3.23 -13.70
N ILE A 72 -7.73 -2.08 -14.18
CA ILE A 72 -7.01 -2.04 -15.46
C ILE A 72 -5.53 -2.03 -15.04
N VAL A 73 -4.76 -3.01 -15.50
CA VAL A 73 -3.36 -3.10 -15.11
C VAL A 73 -2.41 -3.18 -16.28
N PHE A 74 -1.29 -2.47 -16.18
CA PHE A 74 -0.28 -2.44 -17.24
C PHE A 74 1.06 -2.95 -16.75
N THR A 75 1.84 -3.54 -17.65
CA THR A 75 3.19 -3.93 -17.32
C THR A 75 4.04 -3.31 -18.42
N PHE A 76 5.02 -2.50 -18.01
CA PHE A 76 5.95 -1.83 -18.92
C PHE A 76 7.37 -2.33 -18.70
N HIS A 77 8.19 -2.18 -19.73
CA HIS A 77 9.61 -2.53 -19.67
C HIS A 77 10.26 -1.18 -20.01
N VAL A 78 11.08 -0.69 -19.10
CA VAL A 78 11.68 0.62 -19.24
C VAL A 78 13.20 0.64 -19.12
N LYS A 79 13.85 1.43 -19.97
CA LYS A 79 15.30 1.64 -19.91
C LYS A 79 15.45 3.15 -19.71
N ALA A 80 16.01 3.55 -18.57
CA ALA A 80 16.13 4.97 -18.23
C ALA A 80 17.34 5.19 -17.34
N PRO A 81 17.84 6.44 -17.28
CA PRO A 81 19.00 6.80 -16.45
C PRO A 81 18.64 6.64 -14.98
N ILE A 82 19.61 6.31 -14.14
CA ILE A 82 19.32 6.13 -12.72
C ILE A 82 18.66 7.36 -12.07
N PHE A 83 19.07 8.57 -12.43
CA PHE A 83 18.44 9.74 -11.79
C PHE A 83 16.95 9.83 -12.11
N VAL A 84 16.55 9.31 -13.28
CA VAL A 84 15.14 9.30 -13.66
C VAL A 84 14.45 8.17 -12.89
N ALA A 85 15.11 7.02 -12.81
CA ALA A 85 14.54 5.88 -12.08
C ALA A 85 14.34 6.20 -10.59
N ARG A 86 15.24 6.96 -10.00
CA ARG A 86 15.11 7.31 -8.58
C ARG A 86 13.81 8.05 -8.34
N GLN A 87 13.46 8.96 -9.25
CA GLN A 87 12.23 9.72 -9.10
C GLN A 87 11.02 8.81 -9.35
N TRP A 88 11.12 8.02 -10.41
CA TRP A 88 10.05 7.11 -10.79
C TRP A 88 9.70 6.14 -9.66
N PHE A 89 10.73 5.54 -9.06
CA PHE A 89 10.50 4.55 -8.02
C PHE A 89 9.92 5.11 -6.73
N ARG A 90 9.75 6.43 -6.65
CA ARG A 90 9.12 7.03 -5.48
C ARG A 90 7.61 6.73 -5.52
N HIS A 91 7.09 6.33 -6.69
CA HIS A 91 5.68 5.96 -6.83
C HIS A 91 5.52 4.55 -6.24
N ARG A 92 5.08 4.51 -4.99
CA ARG A 92 4.98 3.25 -4.22
C ARG A 92 3.86 2.30 -4.59
N ILE A 93 2.77 2.82 -5.15
CA ILE A 93 1.65 1.97 -5.49
C ILE A 93 1.88 1.38 -6.88
N ALA A 94 2.81 0.45 -6.92
CA ALA A 94 3.22 -0.21 -8.16
C ALA A 94 4.22 -1.29 -7.79
N SER A 95 4.58 -2.09 -8.79
CA SER A 95 5.54 -3.18 -8.59
C SER A 95 6.73 -2.96 -9.53
N TYR A 96 7.93 -3.19 -9.01
CA TYR A 96 9.17 -3.00 -9.78
C TYR A 96 10.14 -4.16 -9.64
N ASN A 97 10.93 -4.38 -10.68
CA ASN A 97 12.05 -5.35 -10.66
C ASN A 97 13.05 -4.72 -11.61
N GLU A 98 14.25 -4.48 -11.09
CA GLU A 98 15.28 -3.77 -11.80
C GLU A 98 16.62 -4.48 -11.90
N LEU A 99 17.37 -4.08 -12.92
CA LEU A 99 18.73 -4.55 -13.18
C LEU A 99 19.55 -4.20 -11.94
N SER A 100 20.43 -5.11 -11.52
CA SER A 100 21.25 -4.90 -10.32
C SER A 100 22.74 -4.70 -10.57
N GLY A 101 23.30 -3.65 -9.97
CA GLY A 101 24.71 -3.36 -10.11
C GLY A 101 25.52 -4.20 -9.12
N ARG A 102 24.83 -4.85 -8.19
CA ARG A 102 25.51 -5.72 -7.24
C ARG A 102 25.80 -7.04 -7.92
N TYR A 103 24.89 -7.45 -8.78
CA TYR A 103 25.00 -8.74 -9.45
C TYR A 103 25.46 -8.75 -10.90
N SER A 104 25.13 -7.71 -11.65
CA SER A 104 25.50 -7.67 -13.05
C SER A 104 26.69 -6.79 -13.38
N LYS A 105 27.44 -7.19 -14.39
CA LYS A 105 28.58 -6.42 -14.86
C LYS A 105 27.87 -5.34 -15.68
N LEU A 106 28.20 -4.08 -15.45
CA LEU A 106 27.53 -2.99 -16.16
C LEU A 106 28.16 -2.58 -17.49
N SER A 107 27.30 -2.36 -18.49
CA SER A 107 27.72 -1.96 -19.82
C SER A 107 27.89 -0.44 -19.96
N TYR A 108 28.66 -0.04 -20.96
CA TYR A 108 28.93 1.38 -21.23
C TYR A 108 27.70 2.05 -21.83
N GLU A 109 26.71 2.36 -20.99
CA GLU A 109 25.50 3.01 -21.49
C GLU A 109 25.09 4.10 -20.53
N PHE A 110 25.32 5.34 -20.95
CA PHE A 110 25.01 6.53 -20.16
C PHE A 110 24.23 7.55 -20.98
N TYR A 111 23.48 8.38 -20.27
CA TYR A 111 22.70 9.44 -20.89
C TYR A 111 23.57 10.68 -21.04
N ILE A 112 23.87 11.05 -22.27
CA ILE A 112 24.67 12.23 -22.54
C ILE A 112 23.70 13.22 -23.19
N PRO A 113 23.36 14.31 -22.49
CA PRO A 113 22.43 15.30 -23.04
C PRO A 113 23.02 16.00 -24.27
N SER A 114 22.16 16.35 -25.22
CA SER A 114 22.62 17.06 -26.40
C SER A 114 22.65 18.53 -26.02
N PRO A 115 23.35 19.37 -26.80
CA PRO A 115 23.42 20.80 -26.51
C PRO A 115 22.03 21.42 -26.41
N GLU A 116 21.08 20.82 -27.13
CA GLU A 116 19.71 21.31 -27.15
C GLU A 116 19.04 21.24 -25.78
N ARG A 117 19.56 20.38 -24.90
CA ARG A 117 19.00 20.25 -23.56
C ARG A 117 19.11 21.58 -22.82
N LEU A 118 20.13 22.36 -23.17
CA LEU A 118 20.35 23.66 -22.53
C LEU A 118 19.78 24.76 -23.41
N GLU A 119 19.15 24.36 -24.50
CA GLU A 119 18.54 25.30 -25.46
C GLU A 119 17.54 26.19 -24.73
N GLY A 120 18.02 27.33 -24.26
CA GLY A 120 17.16 28.26 -23.55
C GLY A 120 17.86 28.88 -22.36
N TYR A 121 19.03 28.32 -22.01
CA TYR A 121 19.81 28.81 -20.88
C TYR A 121 21.11 29.43 -21.39
N LYS A 122 21.46 30.59 -20.86
CA LYS A 122 22.70 31.23 -21.27
C LYS A 122 23.80 30.84 -20.30
N THR A 123 24.82 30.16 -20.82
CA THR A 123 25.93 29.70 -20.00
C THR A 123 27.24 30.35 -20.44
N THR A 124 28.23 30.33 -19.55
CA THR A 124 29.54 30.90 -19.84
C THR A 124 30.22 30.15 -20.99
N ILE A 125 30.29 28.83 -20.87
CA ILE A 125 30.92 28.02 -21.91
C ILE A 125 29.87 27.48 -22.87
N PRO A 126 30.27 27.24 -24.14
CA PRO A 126 29.37 26.72 -25.17
C PRO A 126 28.64 25.46 -24.71
N PRO A 127 27.38 25.29 -25.12
CA PRO A 127 26.61 24.11 -24.73
C PRO A 127 27.33 22.83 -25.18
N GLU A 128 28.01 22.94 -26.32
CA GLU A 128 28.75 21.81 -26.88
C GLU A 128 29.81 21.38 -25.88
N ARG A 129 30.38 22.35 -25.18
CA ARG A 129 31.41 22.10 -24.18
C ARG A 129 30.84 21.28 -23.03
N VAL A 130 29.63 21.61 -22.61
CA VAL A 130 28.98 20.90 -21.51
C VAL A 130 28.83 19.41 -21.84
N THR A 131 28.37 19.12 -23.04
CA THR A 131 28.20 17.74 -23.49
C THR A 131 29.56 17.03 -23.42
N GLU A 132 30.60 17.74 -23.87
CA GLU A 132 31.95 17.19 -23.85
C GLU A 132 32.42 16.88 -22.44
N LYS A 133 32.23 17.83 -21.53
CA LYS A 133 32.63 17.65 -20.14
C LYS A 133 31.94 16.46 -19.49
N ILE A 134 30.65 16.29 -19.79
CA ILE A 134 29.89 15.18 -19.22
C ILE A 134 30.38 13.85 -19.79
N SER A 135 30.59 13.80 -21.10
CA SER A 135 31.05 12.56 -21.72
C SER A 135 32.44 12.18 -21.19
N GLU A 136 33.26 13.20 -20.91
CA GLU A 136 34.60 12.96 -20.40
C GLU A 136 34.59 12.36 -19.00
N ILE A 137 33.80 12.95 -18.11
CA ILE A 137 33.73 12.43 -16.75
C ILE A 137 33.14 11.02 -16.78
N VAL A 138 32.16 10.80 -17.66
CA VAL A 138 31.54 9.49 -17.81
C VAL A 138 32.55 8.44 -18.25
N ASP A 139 33.37 8.78 -19.24
CA ASP A 139 34.37 7.84 -19.74
C ASP A 139 35.38 7.50 -18.64
N LYS A 140 35.82 8.52 -17.91
CA LYS A 140 36.79 8.33 -16.83
C LYS A 140 36.21 7.43 -15.75
N ALA A 141 34.99 7.73 -15.31
CA ALA A 141 34.34 6.94 -14.28
C ALA A 141 34.14 5.49 -14.71
N TYR A 142 33.73 5.27 -15.96
CA TYR A 142 33.51 3.92 -16.43
C TYR A 142 34.81 3.11 -16.53
N ARG A 143 35.90 3.77 -16.92
CA ARG A 143 37.18 3.07 -17.03
C ARG A 143 37.65 2.66 -15.64
N THR A 144 37.46 3.55 -14.68
CA THR A 144 37.85 3.28 -13.31
C THR A 144 37.05 2.08 -12.82
N TYR A 145 35.76 2.07 -13.13
CA TYR A 145 34.89 0.96 -12.73
C TYR A 145 35.43 -0.34 -13.31
N LEU A 146 35.74 -0.35 -14.60
CA LEU A 146 36.27 -1.54 -15.26
C LEU A 146 37.59 -2.01 -14.63
N GLU A 147 38.51 -1.08 -14.40
CA GLU A 147 39.78 -1.46 -13.81
C GLU A 147 39.57 -2.16 -12.46
N LEU A 148 38.70 -1.59 -11.64
CA LEU A 148 38.41 -2.16 -10.34
C LEU A 148 37.86 -3.57 -10.47
N ILE A 149 36.89 -3.76 -11.36
CA ILE A 149 36.28 -5.07 -11.59
C ILE A 149 37.32 -6.08 -12.06
N GLU A 150 38.15 -5.66 -13.01
CA GLU A 150 39.20 -6.50 -13.56
C GLU A 150 40.24 -6.86 -12.50
N SER A 151 40.34 -6.04 -11.47
CA SER A 151 41.31 -6.26 -10.40
C SER A 151 40.77 -7.12 -9.26
N GLY A 152 39.52 -7.57 -9.37
CA GLY A 152 38.95 -8.40 -8.34
C GLY A 152 38.10 -7.69 -7.30
N VAL A 153 37.86 -6.40 -7.50
CA VAL A 153 37.04 -5.64 -6.55
C VAL A 153 35.59 -6.08 -6.78
N PRO A 154 34.86 -6.41 -5.72
CA PRO A 154 33.46 -6.84 -5.89
C PRO A 154 32.64 -5.80 -6.64
N ARG A 155 31.76 -6.28 -7.51
CA ARG A 155 30.91 -5.40 -8.32
C ARG A 155 30.15 -4.37 -7.49
N GLU A 156 29.60 -4.79 -6.35
CA GLU A 156 28.80 -3.88 -5.51
C GLU A 156 29.59 -2.69 -4.99
N VAL A 157 30.91 -2.83 -4.93
CA VAL A 157 31.76 -1.73 -4.47
C VAL A 157 32.27 -0.92 -5.67
N ALA A 158 32.74 -1.62 -6.70
CA ALA A 158 33.26 -0.95 -7.89
C ALA A 158 32.27 0.02 -8.53
N ARG A 159 30.98 -0.33 -8.52
CA ARG A 159 30.01 0.55 -9.16
C ARG A 159 29.70 1.86 -8.45
N ILE A 160 30.19 2.08 -7.24
CA ILE A 160 29.86 3.33 -6.56
C ILE A 160 30.50 4.57 -7.19
N VAL A 161 31.44 4.36 -8.11
CA VAL A 161 32.08 5.49 -8.77
C VAL A 161 31.32 5.85 -10.06
N LEU A 162 30.30 5.07 -10.39
CA LEU A 162 29.54 5.36 -11.61
C LEU A 162 28.53 6.50 -11.38
N PRO A 163 28.43 7.42 -12.34
CA PRO A 163 27.52 8.57 -12.25
C PRO A 163 26.04 8.25 -12.40
N LEU A 164 25.22 9.19 -11.96
CA LEU A 164 23.76 9.07 -11.97
C LEU A 164 23.11 8.97 -13.33
N ASN A 165 23.87 9.24 -14.39
CA ASN A 165 23.31 9.15 -15.73
C ASN A 165 23.49 7.78 -16.37
N LEU A 166 23.93 6.81 -15.58
CA LEU A 166 24.07 5.43 -16.06
C LEU A 166 22.65 4.90 -16.32
N TYR A 167 22.46 4.20 -17.43
CA TYR A 167 21.14 3.63 -17.72
C TYR A 167 20.89 2.36 -16.95
N THR A 168 19.64 2.16 -16.56
CA THR A 168 19.24 0.95 -15.86
C THR A 168 18.01 0.43 -16.63
N ARG A 169 17.54 -0.76 -16.29
CA ARG A 169 16.35 -1.33 -16.95
C ARG A 169 15.45 -1.92 -15.89
N PHE A 170 14.13 -1.79 -16.07
CA PHE A 170 13.23 -2.36 -15.09
C PHE A 170 11.85 -2.68 -15.66
N PHE A 171 11.14 -3.55 -14.96
CA PHE A 171 9.76 -3.87 -15.31
C PHE A 171 8.92 -3.11 -14.28
N TRP A 172 7.81 -2.56 -14.74
CA TRP A 172 6.90 -1.76 -13.92
C TRP A 172 5.48 -2.23 -14.14
N THR A 173 4.83 -2.74 -13.08
CA THR A 173 3.43 -3.16 -13.20
C THR A 173 2.66 -2.17 -12.35
N VAL A 174 1.66 -1.55 -12.96
CA VAL A 174 0.91 -0.49 -12.31
C VAL A 174 -0.54 -0.45 -12.81
N ASN A 175 -1.50 -0.13 -11.92
CA ASN A 175 -2.88 -0.07 -12.37
C ASN A 175 -3.21 1.34 -12.88
N ALA A 176 -4.34 1.48 -13.58
CA ALA A 176 -4.66 2.76 -14.20
C ALA A 176 -4.82 3.92 -13.23
N ARG A 177 -5.29 3.64 -12.02
CA ARG A 177 -5.46 4.70 -11.03
C ARG A 177 -4.11 5.27 -10.63
N SER A 178 -3.16 4.40 -10.31
CA SER A 178 -1.83 4.86 -9.93
C SER A 178 -1.11 5.49 -11.13
N LEU A 179 -1.37 4.95 -12.33
CA LEU A 179 -0.78 5.48 -13.53
C LEU A 179 -1.27 6.92 -13.75
N MET A 180 -2.56 7.18 -13.49
CA MET A 180 -3.07 8.56 -13.65
C MET A 180 -2.41 9.51 -12.67
N ASN A 181 -2.15 9.03 -11.45
CA ASN A 181 -1.43 9.86 -10.48
C ASN A 181 -0.02 10.15 -11.01
N PHE A 182 0.63 9.12 -11.56
CA PHE A 182 1.95 9.27 -12.13
C PHE A 182 1.92 10.33 -13.23
N LEU A 183 0.92 10.30 -14.11
CA LEU A 183 0.83 11.30 -15.17
C LEU A 183 0.55 12.70 -14.63
N ASN A 184 -0.27 12.80 -13.58
CA ASN A 184 -0.54 14.12 -12.99
C ASN A 184 0.75 14.78 -12.49
N LEU A 185 1.65 13.96 -11.94
CA LEU A 185 2.87 14.48 -11.37
C LEU A 185 4.09 14.56 -12.29
N ARG A 186 4.19 13.63 -13.23
CA ARG A 186 5.35 13.56 -14.11
C ARG A 186 5.14 14.15 -15.49
N ALA A 187 3.90 14.14 -15.98
CA ALA A 187 3.61 14.73 -17.29
C ALA A 187 3.23 16.16 -16.90
N ASP A 188 4.21 16.87 -16.38
CA ASP A 188 4.02 18.23 -15.90
C ASP A 188 5.32 19.01 -16.00
N SER A 189 5.22 20.31 -16.27
CA SER A 189 6.40 21.14 -16.44
C SER A 189 7.26 21.30 -15.18
N HIS A 190 6.72 21.00 -14.01
CA HIS A 190 7.48 21.10 -12.76
C HIS A 190 8.39 19.88 -12.58
N ALA A 191 8.08 18.78 -13.26
CA ALA A 191 8.90 17.58 -13.15
C ALA A 191 10.14 17.79 -13.99
N GLN A 192 11.19 17.01 -13.73
CA GLN A 192 12.40 17.17 -14.52
C GLN A 192 12.13 16.79 -15.99
N TRP A 193 12.67 17.57 -16.91
CA TRP A 193 12.44 17.33 -18.33
C TRP A 193 12.61 15.88 -18.77
N GLU A 194 13.69 15.25 -18.30
CA GLU A 194 13.94 13.86 -18.66
C GLU A 194 12.79 12.92 -18.31
N ILE A 195 12.20 13.06 -17.12
CA ILE A 195 11.10 12.14 -16.79
C ILE A 195 9.82 12.60 -17.47
N GLN A 196 9.72 13.88 -17.82
CA GLN A 196 8.55 14.34 -18.54
C GLN A 196 8.49 13.54 -19.85
N GLN A 197 9.66 13.31 -20.47
CA GLN A 197 9.74 12.56 -21.72
C GLN A 197 9.20 11.15 -21.57
N TYR A 198 9.57 10.49 -20.49
CA TYR A 198 9.06 9.15 -20.24
C TYR A 198 7.55 9.18 -19.96
N ALA A 199 7.11 10.18 -19.21
CA ALA A 199 5.69 10.28 -18.88
C ALA A 199 4.86 10.45 -20.15
N LEU A 200 5.38 11.21 -21.11
CA LEU A 200 4.68 11.41 -22.38
C LEU A 200 4.55 10.08 -23.11
N ALA A 201 5.58 9.24 -23.02
CA ALA A 201 5.52 7.93 -23.67
C ALA A 201 4.49 7.04 -22.96
N ILE A 202 4.46 7.12 -21.65
CA ILE A 202 3.50 6.33 -20.88
C ILE A 202 2.07 6.78 -21.21
N ALA A 203 1.87 8.09 -21.32
CA ALA A 203 0.54 8.60 -21.65
C ALA A 203 0.14 8.14 -23.06
N ARG A 204 1.10 8.17 -23.98
CA ARG A 204 0.86 7.76 -25.36
C ARG A 204 0.36 6.32 -25.44
N ILE A 205 0.94 5.44 -24.62
CA ILE A 205 0.54 4.05 -24.59
C ILE A 205 -0.81 3.88 -23.88
N PHE A 206 -1.00 4.63 -22.80
CA PHE A 206 -2.25 4.59 -22.04
C PHE A 206 -3.42 4.98 -22.96
N LYS A 207 -3.23 6.05 -23.71
CA LYS A 207 -4.24 6.55 -24.64
C LYS A 207 -4.64 5.48 -25.67
N GLU A 208 -3.65 4.78 -26.19
CA GLU A 208 -3.87 3.75 -27.19
C GLU A 208 -4.69 2.57 -26.67
N LYS A 209 -4.44 2.16 -25.42
CA LYS A 209 -5.13 1.01 -24.86
C LYS A 209 -6.45 1.31 -24.13
N CYS A 210 -6.56 2.49 -23.51
CA CYS A 210 -7.78 2.87 -22.79
C CYS A 210 -8.18 4.26 -23.24
N PRO A 211 -8.57 4.40 -24.51
CA PRO A 211 -8.96 5.70 -25.05
C PRO A 211 -10.03 6.46 -24.28
N TRP A 212 -11.09 5.78 -23.87
CA TRP A 212 -12.17 6.45 -23.14
C TRP A 212 -11.67 6.99 -21.81
N THR A 213 -10.98 6.16 -21.05
CA THR A 213 -10.47 6.58 -19.76
C THR A 213 -9.48 7.73 -19.90
N PHE A 214 -8.60 7.63 -20.88
CA PHE A 214 -7.60 8.68 -21.08
C PHE A 214 -8.24 10.01 -21.44
N GLU A 215 -9.18 9.98 -22.39
CA GLU A 215 -9.84 11.22 -22.80
C GLU A 215 -10.59 11.82 -21.62
N ALA A 216 -11.29 10.97 -20.86
CA ALA A 216 -12.04 11.44 -19.71
C ALA A 216 -11.07 12.02 -18.67
N PHE A 217 -9.94 11.34 -18.49
CA PHE A 217 -8.91 11.80 -17.56
C PHE A 217 -8.42 13.20 -17.96
N LEU A 218 -8.03 13.33 -19.22
CA LEU A 218 -7.53 14.62 -19.72
C LEU A 218 -8.53 15.75 -19.57
N LYS A 219 -9.80 15.49 -19.89
CA LYS A 219 -10.82 16.52 -19.82
C LYS A 219 -11.30 16.89 -18.41
N TYR A 220 -11.35 15.91 -17.50
CA TYR A 220 -11.86 16.21 -16.16
C TYR A 220 -11.01 16.00 -14.92
N ALA A 221 -9.89 15.29 -15.01
CA ALA A 221 -9.11 15.06 -13.79
C ALA A 221 -7.61 15.34 -13.87
N TYR A 222 -7.07 15.39 -15.08
CA TYR A 222 -5.64 15.65 -15.26
C TYR A 222 -5.27 17.03 -14.70
N LYS A 223 -4.25 17.04 -13.84
CA LYS A 223 -3.81 18.28 -13.20
C LYS A 223 -2.54 18.88 -13.78
N GLY A 224 -1.85 18.13 -14.64
CA GLY A 224 -0.62 18.64 -15.21
C GLY A 224 -0.86 19.60 -16.37
N ASP A 225 0.19 19.94 -17.10
CA ASP A 225 0.04 20.87 -18.21
C ASP A 225 0.53 20.39 -19.59
N ILE A 226 1.66 19.70 -19.64
CA ILE A 226 2.18 19.28 -20.94
C ILE A 226 1.28 18.40 -21.79
N LEU A 227 0.37 17.66 -21.18
CA LEU A 227 -0.52 16.79 -21.96
C LEU A 227 -1.62 17.61 -22.63
N LYS A 228 -1.88 18.80 -22.10
CA LYS A 228 -2.90 19.68 -22.66
C LYS A 228 -2.26 20.66 -23.64
N GLU A 229 -1.04 20.34 -24.07
CA GLU A 229 -0.29 21.17 -24.99
C GLU A 229 0.43 20.32 -26.02
N HIS B 12 -16.07 -18.84 -18.36
CA HIS B 12 -15.07 -18.53 -17.30
C HIS B 12 -15.13 -19.58 -16.18
N MET B 13 -13.96 -19.94 -15.67
CA MET B 13 -13.90 -20.91 -14.57
C MET B 13 -14.75 -20.32 -13.47
N LYS B 14 -15.73 -21.09 -13.00
CA LYS B 14 -16.61 -20.66 -11.92
C LYS B 14 -16.84 -21.84 -10.99
N ILE B 15 -16.49 -21.64 -9.73
CA ILE B 15 -16.60 -22.68 -8.72
C ILE B 15 -17.66 -22.29 -7.71
N ASP B 16 -18.63 -23.17 -7.48
CA ASP B 16 -19.69 -22.88 -6.53
C ASP B 16 -19.21 -23.14 -5.11
N ILE B 17 -19.56 -22.23 -4.22
CA ILE B 17 -19.16 -22.29 -2.81
C ILE B 17 -20.35 -22.07 -1.90
N LEU B 18 -20.38 -22.78 -0.77
CA LEU B 18 -21.45 -22.68 0.20
C LEU B 18 -22.78 -23.02 -0.49
N ASP B 19 -23.87 -22.39 -0.08
CA ASP B 19 -25.14 -22.72 -0.70
C ASP B 19 -25.56 -21.89 -1.91
N LYS B 20 -25.07 -20.65 -2.01
CA LYS B 20 -25.44 -19.80 -3.14
C LYS B 20 -24.25 -18.97 -3.66
N GLY B 21 -23.09 -19.19 -3.06
CA GLY B 21 -21.92 -18.43 -3.46
C GLY B 21 -21.11 -19.00 -4.59
N PHE B 22 -20.11 -18.24 -5.02
CA PHE B 22 -19.21 -18.68 -6.07
C PHE B 22 -17.97 -17.82 -6.19
N VAL B 23 -17.00 -18.36 -6.91
CA VAL B 23 -15.77 -17.66 -7.23
C VAL B 23 -15.58 -17.89 -8.71
N GLU B 24 -15.47 -16.79 -9.46
CA GLU B 24 -15.29 -16.86 -10.90
C GLU B 24 -14.04 -16.09 -11.31
N LEU B 25 -13.23 -16.68 -12.20
CA LEU B 25 -12.04 -16.00 -12.68
C LEU B 25 -12.48 -15.11 -13.85
N VAL B 26 -12.19 -13.81 -13.76
CA VAL B 26 -12.58 -12.88 -14.81
C VAL B 26 -11.46 -12.69 -15.82
N ASP B 27 -10.25 -12.45 -15.31
CA ASP B 27 -9.12 -12.22 -16.19
C ASP B 27 -7.83 -12.46 -15.45
N VAL B 28 -6.74 -12.59 -16.20
CA VAL B 28 -5.43 -12.81 -15.61
C VAL B 28 -4.40 -12.20 -16.54
N MET B 29 -3.36 -11.61 -15.96
CA MET B 29 -2.28 -11.05 -16.76
C MET B 29 -1.01 -11.71 -16.25
N GLY B 30 -0.22 -12.24 -17.18
CA GLY B 30 1.02 -12.89 -16.80
C GLY B 30 0.83 -14.36 -16.47
N ASN B 31 1.95 -15.04 -16.27
CA ASN B 31 1.97 -16.46 -15.92
C ASN B 31 3.31 -16.72 -15.25
N ASP B 32 3.66 -17.99 -15.04
CA ASP B 32 4.91 -18.31 -14.38
C ASP B 32 6.12 -17.64 -15.05
N LEU B 33 6.09 -17.54 -16.38
CA LEU B 33 7.21 -16.96 -17.09
C LEU B 33 7.39 -15.47 -16.81
N SER B 34 6.30 -14.80 -16.45
CA SER B 34 6.35 -13.38 -16.12
C SER B 34 7.29 -13.19 -14.94
N ALA B 35 7.17 -14.08 -13.95
CA ALA B 35 7.99 -14.01 -12.76
C ALA B 35 9.45 -14.33 -13.11
N VAL B 36 9.63 -15.26 -14.04
CA VAL B 36 10.98 -15.62 -14.43
C VAL B 36 11.69 -14.44 -15.07
N ARG B 37 11.03 -13.78 -16.01
CA ARG B 37 11.62 -12.63 -16.68
C ARG B 37 11.89 -11.48 -15.72
N ALA B 38 10.98 -11.26 -14.78
CA ALA B 38 11.15 -10.18 -13.80
C ALA B 38 12.33 -10.46 -12.88
N ALA B 39 12.60 -11.73 -12.60
CA ALA B 39 13.71 -12.08 -11.73
C ALA B 39 15.03 -11.96 -12.51
N ARG B 40 15.03 -12.44 -13.75
CA ARG B 40 16.23 -12.40 -14.59
C ARG B 40 16.73 -11.01 -14.94
N VAL B 41 15.84 -10.01 -14.96
CA VAL B 41 16.29 -8.66 -15.31
C VAL B 41 17.40 -8.19 -14.38
N SER B 42 17.46 -8.76 -13.17
CA SER B 42 18.49 -8.40 -12.21
C SER B 42 19.88 -8.61 -12.80
N PHE B 43 20.01 -9.64 -13.63
CA PHE B 43 21.28 -9.97 -14.25
C PHE B 43 21.29 -9.59 -15.73
N ASP B 44 20.39 -8.69 -16.09
CA ASP B 44 20.27 -8.23 -17.47
C ASP B 44 20.03 -9.39 -18.42
N MET B 45 19.21 -10.34 -17.98
CA MET B 45 18.87 -11.52 -18.77
C MET B 45 17.36 -11.62 -18.93
N GLY B 46 16.92 -12.61 -19.70
CA GLY B 46 15.50 -12.83 -19.92
C GLY B 46 15.17 -14.29 -19.69
N LEU B 47 14.31 -14.85 -20.53
CA LEU B 47 13.94 -16.25 -20.41
C LEU B 47 15.07 -17.10 -20.99
N LYS B 48 15.15 -18.36 -20.57
CA LYS B 48 16.17 -19.26 -21.08
C LYS B 48 15.51 -20.50 -21.68
N ASP B 49 15.22 -21.47 -20.82
CA ASP B 49 14.58 -22.71 -21.26
C ASP B 49 13.56 -23.15 -20.21
N GLU B 50 12.53 -23.84 -20.67
CA GLU B 50 11.47 -24.34 -19.79
C GLU B 50 12.02 -25.06 -18.56
N GLU B 51 13.18 -25.68 -18.71
CA GLU B 51 13.78 -26.42 -17.61
C GLU B 51 14.46 -25.49 -16.60
N ARG B 52 15.30 -24.58 -17.11
CA ARG B 52 16.01 -23.65 -16.24
C ARG B 52 15.04 -22.64 -15.62
N ASP B 53 13.98 -22.32 -16.36
CA ASP B 53 13.01 -21.35 -15.89
C ASP B 53 12.13 -21.88 -14.76
N ARG B 54 11.72 -23.14 -14.87
CA ARG B 54 10.90 -23.74 -13.81
C ARG B 54 11.76 -23.84 -12.57
N HIS B 55 13.05 -24.09 -12.76
CA HIS B 55 13.99 -24.21 -11.65
C HIS B 55 14.18 -22.85 -10.97
N LEU B 56 14.13 -21.78 -11.75
CA LEU B 56 14.30 -20.45 -11.18
C LEU B 56 13.13 -20.12 -10.25
N ILE B 57 11.92 -20.50 -10.66
CA ILE B 57 10.74 -20.25 -9.83
C ILE B 57 10.92 -20.91 -8.46
N GLU B 58 11.40 -22.16 -8.46
CA GLU B 58 11.62 -22.86 -7.20
C GLU B 58 12.65 -22.15 -6.34
N TYR B 59 13.72 -21.67 -6.97
CA TYR B 59 14.79 -20.96 -6.27
C TYR B 59 14.24 -19.69 -5.64
N LEU B 60 13.44 -18.94 -6.42
CA LEU B 60 12.86 -17.70 -5.93
C LEU B 60 11.99 -17.96 -4.71
N MET B 61 11.14 -18.97 -4.80
CA MET B 61 10.24 -19.33 -3.71
C MET B 61 10.96 -19.76 -2.43
N LYS B 62 11.96 -20.64 -2.56
CA LYS B 62 12.66 -21.10 -1.36
C LYS B 62 13.60 -20.09 -0.73
N HIS B 63 13.97 -19.05 -1.48
CA HIS B 63 14.86 -18.04 -0.96
C HIS B 63 14.16 -16.73 -0.58
N GLY B 64 12.84 -16.71 -0.72
CA GLY B 64 12.08 -15.52 -0.36
C GLY B 64 12.15 -14.35 -1.32
N HIS B 65 12.38 -14.62 -2.61
CA HIS B 65 12.43 -13.57 -3.63
C HIS B 65 11.00 -13.46 -4.12
N GLU B 66 10.23 -12.63 -3.43
CA GLU B 66 8.81 -12.47 -3.72
C GLU B 66 8.36 -11.44 -4.74
N THR B 67 9.13 -10.37 -4.91
CA THR B 67 8.67 -9.34 -5.84
C THR B 67 8.39 -9.75 -7.28
N PRO B 68 9.15 -10.72 -7.82
CA PRO B 68 8.85 -11.09 -9.21
C PRO B 68 7.40 -11.56 -9.45
N PHE B 69 6.78 -12.10 -8.40
CA PHE B 69 5.42 -12.61 -8.51
C PHE B 69 4.35 -11.54 -8.49
N GLU B 70 4.76 -10.31 -8.21
CA GLU B 70 3.81 -9.21 -8.19
C GLU B 70 3.37 -8.85 -9.62
N HIS B 71 4.10 -9.34 -10.62
CA HIS B 71 3.76 -9.05 -12.01
C HIS B 71 2.68 -9.96 -12.59
N ILE B 72 2.24 -10.95 -11.81
CA ILE B 72 1.16 -11.83 -12.22
C ILE B 72 -0.08 -11.27 -11.50
N VAL B 73 -1.12 -10.90 -12.24
CA VAL B 73 -2.31 -10.30 -11.62
C VAL B 73 -3.62 -11.02 -12.02
N PHE B 74 -4.50 -11.22 -11.05
CA PHE B 74 -5.77 -11.90 -11.27
C PHE B 74 -6.94 -10.97 -10.95
N THR B 75 -8.08 -11.21 -11.59
CA THR B 75 -9.28 -10.49 -11.26
C THR B 75 -10.34 -11.57 -11.11
N PHE B 76 -10.95 -11.62 -9.93
CA PHE B 76 -11.99 -12.57 -9.61
C PHE B 76 -13.32 -11.87 -9.40
N HIS B 77 -14.40 -12.64 -9.59
CA HIS B 77 -15.77 -12.15 -9.38
C HIS B 77 -16.26 -13.10 -8.27
N VAL B 78 -16.64 -12.54 -7.13
CA VAL B 78 -17.01 -13.34 -5.97
C VAL B 78 -18.36 -13.02 -5.38
N LYS B 79 -19.09 -14.07 -5.02
CA LYS B 79 -20.38 -13.92 -4.35
C LYS B 79 -20.18 -14.63 -3.01
N ALA B 80 -20.30 -13.88 -1.91
CA ALA B 80 -20.07 -14.43 -0.58
C ALA B 80 -20.87 -13.67 0.46
N PRO B 81 -21.11 -14.30 1.63
CA PRO B 81 -21.86 -13.67 2.73
C PRO B 81 -21.08 -12.48 3.27
N ILE B 82 -21.78 -11.48 3.76
CA ILE B 82 -21.09 -10.30 4.29
C ILE B 82 -20.07 -10.65 5.38
N PHE B 83 -20.35 -11.61 6.26
CA PHE B 83 -19.35 -11.90 7.29
C PHE B 83 -18.05 -12.45 6.70
N VAL B 84 -18.15 -13.13 5.55
CA VAL B 84 -16.97 -13.63 4.88
C VAL B 84 -16.25 -12.46 4.20
N ALA B 85 -17.02 -11.61 3.53
CA ALA B 85 -16.45 -10.45 2.84
C ALA B 85 -15.72 -9.52 3.81
N ARG B 86 -16.27 -9.34 5.01
CA ARG B 86 -15.63 -8.48 6.00
C ARG B 86 -14.21 -8.94 6.29
N GLN B 87 -14.03 -10.26 6.38
CA GLN B 87 -12.70 -10.79 6.63
C GLN B 87 -11.80 -10.65 5.38
N TRP B 88 -12.37 -10.95 4.22
CA TRP B 88 -11.65 -10.90 2.95
C TRP B 88 -11.10 -9.50 2.66
N PHE B 89 -11.96 -8.50 2.86
CA PHE B 89 -11.60 -7.12 2.57
C PHE B 89 -10.55 -6.53 3.52
N ARG B 90 -10.15 -7.30 4.53
CA ARG B 90 -9.07 -6.85 5.41
C ARG B 90 -7.73 -6.96 4.68
N HIS B 91 -7.71 -7.68 3.55
CA HIS B 91 -6.50 -7.80 2.74
C HIS B 91 -6.42 -6.50 1.90
N ARG B 92 -5.65 -5.56 2.42
CA ARG B 92 -5.49 -4.22 1.82
C ARG B 92 -4.71 -4.14 0.52
N ILE B 93 -3.81 -5.10 0.29
CA ILE B 93 -3.01 -5.05 -0.93
C ILE B 93 -3.76 -5.76 -2.05
N ALA B 94 -4.79 -5.07 -2.54
CA ALA B 94 -5.68 -5.58 -3.57
C ALA B 94 -6.66 -4.48 -3.88
N SER B 95 -7.47 -4.70 -4.91
CA SER B 95 -8.48 -3.72 -5.31
C SER B 95 -9.85 -4.38 -5.26
N TYR B 96 -10.87 -3.62 -4.81
CA TYR B 96 -12.23 -4.14 -4.67
C TYR B 96 -13.30 -3.20 -5.18
N ASN B 97 -14.37 -3.77 -5.71
CA ASN B 97 -15.57 -3.01 -6.07
C ASN B 97 -16.70 -3.96 -5.73
N GLU B 98 -17.60 -3.46 -4.88
CA GLU B 98 -18.68 -4.26 -4.32
C GLU B 98 -20.07 -3.70 -4.47
N LEU B 99 -21.05 -4.61 -4.51
CA LEU B 99 -22.48 -4.27 -4.57
C LEU B 99 -22.80 -3.37 -3.38
N SER B 100 -23.63 -2.36 -3.59
CA SER B 100 -23.98 -1.42 -2.51
C SER B 100 -25.41 -1.51 -1.99
N GLY B 101 -25.56 -1.56 -0.68
CA GLY B 101 -26.87 -1.60 -0.05
C GLY B 101 -27.45 -0.19 0.05
N ARG B 102 -26.60 0.81 -0.15
CA ARG B 102 -27.08 2.19 -0.14
C ARG B 102 -27.77 2.48 -1.47
N TYR B 103 -27.29 1.86 -2.53
CA TYR B 103 -27.80 2.13 -3.86
C TYR B 103 -28.68 1.06 -4.50
N SER B 104 -28.56 -0.18 -4.05
CA SER B 104 -29.35 -1.25 -4.63
C SER B 104 -30.41 -1.82 -3.71
N LYS B 105 -31.55 -2.19 -4.28
CA LYS B 105 -32.59 -2.82 -3.48
C LYS B 105 -32.03 -4.24 -3.39
N LEU B 106 -31.96 -4.79 -2.19
CA LEU B 106 -31.39 -6.12 -1.98
C LEU B 106 -32.34 -7.29 -2.17
N SER B 107 -31.80 -8.36 -2.76
CA SER B 107 -32.56 -9.58 -3.02
C SER B 107 -32.53 -10.54 -1.85
N TYR B 108 -33.41 -11.53 -1.91
CA TYR B 108 -33.55 -12.55 -0.88
C TYR B 108 -32.49 -13.64 -1.05
N GLU B 109 -31.24 -13.31 -0.75
CA GLU B 109 -30.12 -14.23 -0.89
C GLU B 109 -29.28 -14.29 0.39
N PHE B 110 -29.50 -15.31 1.20
CA PHE B 110 -28.76 -15.45 2.46
C PHE B 110 -28.11 -16.81 2.56
N TYR B 111 -27.02 -16.87 3.34
CA TYR B 111 -26.32 -18.13 3.55
C TYR B 111 -26.96 -18.88 4.70
N ILE B 112 -27.52 -20.04 4.39
CA ILE B 112 -28.16 -20.87 5.40
C ILE B 112 -27.29 -22.12 5.52
N PRO B 113 -26.54 -22.25 6.61
CA PRO B 113 -25.68 -23.41 6.79
C PRO B 113 -26.49 -24.70 6.99
N SER B 114 -25.99 -25.78 6.41
CA SER B 114 -26.64 -27.07 6.54
C SER B 114 -26.29 -27.62 7.92
N PRO B 115 -27.06 -28.60 8.41
CA PRO B 115 -26.79 -29.19 9.73
C PRO B 115 -25.37 -29.72 9.88
N GLU B 116 -24.78 -30.19 8.79
CA GLU B 116 -23.43 -30.72 8.82
C GLU B 116 -22.39 -29.66 9.18
N ARG B 117 -22.77 -28.39 9.15
CA ARG B 117 -21.84 -27.32 9.50
C ARG B 117 -21.46 -27.45 10.97
N LEU B 118 -22.39 -27.99 11.77
CA LEU B 118 -22.17 -28.15 13.19
C LEU B 118 -21.59 -29.52 13.55
N GLU B 119 -21.06 -30.22 12.55
CA GLU B 119 -20.48 -31.54 12.79
C GLU B 119 -19.25 -31.41 13.67
N GLY B 120 -19.19 -32.22 14.72
CA GLY B 120 -18.05 -32.17 15.62
C GLY B 120 -18.34 -31.41 16.91
N TYR B 121 -19.46 -30.70 16.95
CA TYR B 121 -19.84 -29.94 18.13
C TYR B 121 -21.06 -30.55 18.80
N LYS B 122 -21.05 -30.58 20.12
CA LYS B 122 -22.19 -31.13 20.86
C LYS B 122 -23.16 -29.99 21.15
N THR B 123 -24.38 -30.12 20.64
CA THR B 123 -25.39 -29.09 20.81
C THR B 123 -26.53 -29.54 21.73
N THR B 124 -27.14 -28.57 22.41
CA THR B 124 -28.26 -28.83 23.31
C THR B 124 -29.49 -29.16 22.47
N ILE B 125 -29.50 -28.66 21.24
CA ILE B 125 -30.61 -28.89 20.33
C ILE B 125 -30.11 -29.50 19.02
N PRO B 126 -30.99 -30.16 18.26
CA PRO B 126 -30.61 -30.79 16.99
C PRO B 126 -30.06 -29.76 16.01
N PRO B 127 -29.04 -30.14 15.23
CA PRO B 127 -28.45 -29.21 14.25
C PRO B 127 -29.53 -28.69 13.30
N GLU B 128 -30.49 -29.56 13.00
CA GLU B 128 -31.61 -29.21 12.12
C GLU B 128 -32.38 -28.01 12.65
N ARG B 129 -32.49 -27.93 13.97
CA ARG B 129 -33.21 -26.83 14.61
C ARG B 129 -32.46 -25.51 14.42
N VAL B 130 -31.14 -25.57 14.54
CA VAL B 130 -30.31 -24.37 14.38
C VAL B 130 -30.52 -23.80 12.98
N THR B 131 -30.49 -24.67 11.98
CA THR B 131 -30.68 -24.26 10.60
C THR B 131 -32.04 -23.60 10.43
N GLU B 132 -33.06 -24.17 11.04
CA GLU B 132 -34.41 -23.63 10.95
C GLU B 132 -34.54 -22.29 11.68
N LYS B 133 -33.83 -22.17 12.79
CA LYS B 133 -33.84 -20.95 13.59
C LYS B 133 -33.21 -19.81 12.80
N ILE B 134 -32.11 -20.10 12.11
CA ILE B 134 -31.42 -19.10 11.31
C ILE B 134 -32.33 -18.65 10.16
N SER B 135 -32.98 -19.63 9.53
CA SER B 135 -33.91 -19.35 8.43
C SER B 135 -35.05 -18.41 8.85
N GLU B 136 -35.57 -18.61 10.06
CA GLU B 136 -36.65 -17.78 10.55
C GLU B 136 -36.21 -16.32 10.72
N ILE B 137 -35.03 -16.12 11.29
CA ILE B 137 -34.51 -14.77 11.48
C ILE B 137 -34.35 -14.09 10.13
N VAL B 138 -33.80 -14.81 9.16
CA VAL B 138 -33.59 -14.27 7.83
C VAL B 138 -34.92 -13.81 7.24
N ASP B 139 -35.90 -14.70 7.26
CA ASP B 139 -37.22 -14.39 6.74
C ASP B 139 -37.83 -13.16 7.38
N LYS B 140 -37.80 -13.12 8.71
CA LYS B 140 -38.36 -11.98 9.44
C LYS B 140 -37.63 -10.69 9.14
N ALA B 141 -36.30 -10.73 9.14
CA ALA B 141 -35.52 -9.54 8.87
C ALA B 141 -35.74 -9.03 7.45
N TYR B 142 -35.71 -9.93 6.48
CA TYR B 142 -35.91 -9.50 5.10
C TYR B 142 -37.32 -8.95 4.90
N ARG B 143 -38.28 -9.55 5.57
CA ARG B 143 -39.67 -9.09 5.47
C ARG B 143 -39.72 -7.64 5.97
N THR B 144 -39.05 -7.38 7.09
CA THR B 144 -39.04 -6.04 7.66
C THR B 144 -38.34 -5.06 6.72
N TYR B 145 -37.22 -5.50 6.14
CA TYR B 145 -36.47 -4.67 5.21
C TYR B 145 -37.40 -4.20 4.07
N LEU B 146 -38.13 -5.15 3.50
CA LEU B 146 -39.05 -4.83 2.40
C LEU B 146 -40.18 -3.90 2.85
N GLU B 147 -40.72 -4.14 4.03
CA GLU B 147 -41.79 -3.31 4.57
C GLU B 147 -41.31 -1.87 4.72
N LEU B 148 -40.08 -1.71 5.19
CA LEU B 148 -39.52 -0.38 5.40
C LEU B 148 -39.32 0.36 4.08
N ILE B 149 -38.71 -0.31 3.11
CA ILE B 149 -38.47 0.32 1.81
C ILE B 149 -39.76 0.69 1.10
N GLU B 150 -40.74 -0.21 1.15
CA GLU B 150 -42.03 0.05 0.51
C GLU B 150 -42.72 1.23 1.18
N SER B 151 -42.39 1.47 2.44
CA SER B 151 -42.98 2.56 3.21
C SER B 151 -42.28 3.91 3.01
N GLY B 152 -41.21 3.93 2.24
CA GLY B 152 -40.50 5.17 2.00
C GLY B 152 -39.20 5.35 2.76
N VAL B 153 -38.82 4.39 3.58
CA VAL B 153 -37.57 4.49 4.33
C VAL B 153 -36.42 4.36 3.34
N PRO B 154 -35.42 5.26 3.41
CA PRO B 154 -34.28 5.21 2.50
C PRO B 154 -33.60 3.85 2.58
N ARG B 155 -33.17 3.33 1.43
CA ARG B 155 -32.49 2.03 1.37
C ARG B 155 -31.32 1.91 2.34
N GLU B 156 -30.50 2.95 2.42
CA GLU B 156 -29.33 2.91 3.30
C GLU B 156 -29.66 2.73 4.78
N VAL B 157 -30.90 3.04 5.15
CA VAL B 157 -31.34 2.89 6.53
C VAL B 157 -32.05 1.56 6.70
N ALA B 158 -32.96 1.25 5.78
CA ALA B 158 -33.69 0.00 5.85
C ALA B 158 -32.81 -1.23 5.95
N ARG B 159 -31.68 -1.26 5.24
CA ARG B 159 -30.82 -2.43 5.27
C ARG B 159 -30.08 -2.70 6.58
N ILE B 160 -30.13 -1.78 7.54
CA ILE B 160 -29.40 -2.05 8.77
C ILE B 160 -30.01 -3.16 9.60
N VAL B 161 -31.20 -3.63 9.23
CA VAL B 161 -31.83 -4.73 9.95
C VAL B 161 -31.45 -6.08 9.34
N LEU B 162 -30.78 -6.06 8.18
CA LEU B 162 -30.42 -7.33 7.55
C LEU B 162 -29.21 -7.96 8.25
N PRO B 163 -29.25 -9.29 8.42
CA PRO B 163 -28.19 -10.06 9.07
C PRO B 163 -26.89 -10.21 8.26
N LEU B 164 -25.83 -10.56 8.97
CA LEU B 164 -24.51 -10.73 8.40
C LEU B 164 -24.38 -11.86 7.37
N ASN B 165 -25.36 -12.75 7.32
CA ASN B 165 -25.29 -13.83 6.35
C ASN B 165 -25.88 -13.47 4.97
N LEU B 166 -26.23 -12.21 4.77
CA LEU B 166 -26.73 -11.73 3.48
C LEU B 166 -25.60 -11.86 2.46
N TYR B 167 -25.90 -12.32 1.25
CA TYR B 167 -24.86 -12.42 0.23
C TYR B 167 -24.60 -11.09 -0.45
N THR B 168 -23.32 -10.85 -0.76
CA THR B 168 -22.95 -9.64 -1.48
C THR B 168 -22.13 -10.13 -2.67
N ARG B 169 -21.76 -9.23 -3.57
CA ARG B 169 -20.97 -9.58 -4.75
C ARG B 169 -19.88 -8.56 -4.96
N PHE B 170 -18.70 -9.01 -5.40
CA PHE B 170 -17.62 -8.05 -5.64
C PHE B 170 -16.57 -8.53 -6.63
N PHE B 171 -15.83 -7.57 -7.16
CA PHE B 171 -14.72 -7.87 -8.06
C PHE B 171 -13.47 -7.69 -7.20
N TRP B 172 -12.50 -8.58 -7.37
CA TRP B 172 -11.25 -8.54 -6.61
C TRP B 172 -10.07 -8.66 -7.56
N THR B 173 -9.21 -7.65 -7.60
CA THR B 173 -8.02 -7.72 -8.45
C THR B 173 -6.86 -7.77 -7.47
N VAL B 174 -5.99 -8.76 -7.65
CA VAL B 174 -4.92 -8.99 -6.70
C VAL B 174 -3.74 -9.65 -7.42
N ASN B 175 -2.51 -9.32 -7.02
CA ASN B 175 -1.36 -9.94 -7.67
C ASN B 175 -1.00 -11.24 -6.96
N ALA B 176 -0.14 -12.03 -7.59
CA ALA B 176 0.19 -13.34 -7.03
C ALA B 176 0.84 -13.34 -5.67
N ARG B 177 1.63 -12.31 -5.35
CA ARG B 177 2.27 -12.24 -4.05
C ARG B 177 1.23 -12.03 -2.97
N SER B 178 0.32 -11.08 -3.18
CA SER B 178 -0.72 -10.84 -2.20
C SER B 178 -1.68 -12.04 -2.12
N LEU B 179 -1.87 -12.71 -3.25
CA LEU B 179 -2.76 -13.86 -3.30
C LEU B 179 -2.12 -14.99 -2.46
N MET B 180 -0.80 -15.14 -2.53
CA MET B 180 -0.16 -16.17 -1.71
C MET B 180 -0.29 -15.82 -0.22
N ASN B 181 -0.25 -14.54 0.13
CA ASN B 181 -0.42 -14.15 1.53
C ASN B 181 -1.86 -14.53 1.92
N PHE B 182 -2.81 -14.23 1.05
CA PHE B 182 -4.21 -14.58 1.31
C PHE B 182 -4.34 -16.08 1.57
N LEU B 183 -3.69 -16.90 0.75
CA LEU B 183 -3.77 -18.36 0.93
C LEU B 183 -3.12 -18.83 2.22
N ASN B 184 -1.98 -18.24 2.57
CA ASN B 184 -1.32 -18.59 3.83
C ASN B 184 -2.25 -18.37 5.00
N LEU B 185 -3.02 -17.28 4.95
CA LEU B 185 -3.91 -16.95 6.04
C LEU B 185 -5.30 -17.53 6.03
N ARG B 186 -5.87 -17.70 4.84
CA ARG B 186 -7.23 -18.18 4.71
C ARG B 186 -7.41 -19.65 4.36
N ALA B 187 -6.41 -20.25 3.72
CA ALA B 187 -6.46 -21.67 3.40
C ALA B 187 -5.71 -22.28 4.56
N ASP B 188 -6.31 -22.13 5.73
CA ASP B 188 -5.74 -22.60 6.99
C ASP B 188 -6.87 -22.91 7.96
N SER B 189 -6.66 -23.94 8.78
CA SER B 189 -7.69 -24.36 9.72
C SER B 189 -8.08 -23.34 10.78
N HIS B 190 -7.22 -22.33 11.01
CA HIS B 190 -7.54 -21.32 12.02
C HIS B 190 -8.52 -20.29 11.46
N ALA B 191 -8.60 -20.19 10.14
CA ALA B 191 -9.53 -19.25 9.51
C ALA B 191 -10.94 -19.83 9.62
N GLN B 192 -11.95 -18.97 9.52
CA GLN B 192 -13.32 -19.47 9.61
C GLN B 192 -13.59 -20.45 8.47
N TRP B 193 -14.25 -21.55 8.78
CA TRP B 193 -14.54 -22.58 7.79
C TRP B 193 -15.10 -22.03 6.48
N GLU B 194 -16.03 -21.09 6.57
CA GLU B 194 -16.62 -20.52 5.38
C GLU B 194 -15.61 -19.85 4.44
N ILE B 195 -14.67 -19.08 4.97
CA ILE B 195 -13.71 -18.44 4.06
C ILE B 195 -12.68 -19.45 3.59
N GLN B 196 -12.48 -20.51 4.38
CA GLN B 196 -11.55 -21.56 3.97
C GLN B 196 -12.04 -22.15 2.65
N GLN B 197 -13.35 -22.32 2.52
CA GLN B 197 -13.92 -22.90 1.30
C GLN B 197 -13.63 -22.00 0.11
N TYR B 198 -13.77 -20.69 0.30
CA TYR B 198 -13.44 -19.77 -0.78
C TYR B 198 -11.95 -19.80 -1.12
N ALA B 199 -11.09 -19.89 -0.10
CA ALA B 199 -9.66 -19.91 -0.34
C ALA B 199 -9.26 -21.17 -1.13
N LEU B 200 -9.97 -22.28 -0.91
CA LEU B 200 -9.68 -23.51 -1.65
C LEU B 200 -10.01 -23.32 -3.13
N ALA B 201 -11.07 -22.56 -3.42
CA ALA B 201 -11.47 -22.31 -4.80
C ALA B 201 -10.44 -21.38 -5.46
N ILE B 202 -9.99 -20.38 -4.70
CA ILE B 202 -9.00 -19.44 -5.19
C ILE B 202 -7.71 -20.20 -5.53
N ALA B 203 -7.33 -21.12 -4.65
CA ALA B 203 -6.14 -21.94 -4.82
C ALA B 203 -6.25 -22.81 -6.06
N ARG B 204 -7.43 -23.38 -6.28
CA ARG B 204 -7.65 -24.24 -7.43
C ARG B 204 -7.46 -23.43 -8.72
N ILE B 205 -7.98 -22.21 -8.76
CA ILE B 205 -7.83 -21.38 -9.95
C ILE B 205 -6.36 -20.96 -10.13
N PHE B 206 -5.71 -20.61 -9.02
CA PHE B 206 -4.31 -20.21 -9.03
C PHE B 206 -3.48 -21.36 -9.59
N LYS B 207 -3.75 -22.57 -9.10
CA LYS B 207 -3.01 -23.75 -9.54
C LYS B 207 -3.11 -23.98 -11.05
N GLU B 208 -4.30 -23.78 -11.60
CA GLU B 208 -4.50 -23.99 -13.02
C GLU B 208 -3.83 -22.94 -13.92
N LYS B 209 -3.75 -21.70 -13.45
CA LYS B 209 -3.15 -20.64 -14.24
C LYS B 209 -1.64 -20.49 -14.05
N CYS B 210 -1.15 -20.81 -12.86
CA CYS B 210 0.28 -20.69 -12.54
C CYS B 210 0.73 -21.95 -11.83
N PRO B 211 0.73 -23.08 -12.55
CA PRO B 211 1.12 -24.35 -11.96
C PRO B 211 2.49 -24.38 -11.28
N TRP B 212 3.51 -23.81 -11.92
CA TRP B 212 4.84 -23.81 -11.33
C TRP B 212 4.91 -22.99 -10.06
N THR B 213 4.32 -21.80 -10.10
CA THR B 213 4.32 -20.94 -8.94
C THR B 213 3.57 -21.60 -7.80
N PHE B 214 2.40 -22.17 -8.10
CA PHE B 214 1.60 -22.83 -7.08
C PHE B 214 2.34 -24.00 -6.44
N GLU B 215 2.94 -24.87 -7.26
CA GLU B 215 3.67 -26.03 -6.74
C GLU B 215 4.83 -25.59 -5.86
N ALA B 216 5.61 -24.63 -6.33
CA ALA B 216 6.74 -24.12 -5.59
C ALA B 216 6.27 -23.51 -4.27
N PHE B 217 5.15 -22.79 -4.34
CA PHE B 217 4.57 -22.17 -3.16
C PHE B 217 4.22 -23.21 -2.10
N LEU B 218 3.54 -24.27 -2.50
CA LEU B 218 3.16 -25.30 -1.54
C LEU B 218 4.33 -26.07 -0.96
N LYS B 219 5.37 -26.25 -1.74
CA LYS B 219 6.54 -26.99 -1.28
C LYS B 219 7.53 -26.19 -0.43
N TYR B 220 7.66 -24.89 -0.70
CA TYR B 220 8.63 -24.10 0.04
C TYR B 220 8.17 -22.91 0.87
N ALA B 221 7.02 -22.33 0.54
CA ALA B 221 6.57 -21.12 1.26
C ALA B 221 5.26 -21.16 2.03
N TYR B 222 4.32 -21.97 1.58
CA TYR B 222 3.02 -22.08 2.23
C TYR B 222 3.10 -22.39 3.73
N LYS B 223 2.50 -21.55 4.56
CA LYS B 223 2.52 -21.74 6.00
C LYS B 223 1.21 -22.25 6.61
N GLY B 224 0.22 -22.53 5.76
CA GLY B 224 -1.05 -23.02 6.26
C GLY B 224 -1.02 -24.54 6.35
N ASP B 225 -2.17 -25.16 6.57
CA ASP B 225 -2.21 -26.62 6.66
C ASP B 225 -3.12 -27.32 5.66
N ILE B 226 -4.35 -26.84 5.51
CA ILE B 226 -5.31 -27.49 4.61
C ILE B 226 -4.90 -27.82 3.18
N LEU B 227 -4.10 -26.96 2.53
CA LEU B 227 -3.69 -27.24 1.15
C LEU B 227 -2.71 -28.38 1.05
N LYS B 228 -2.20 -28.85 2.19
CA LYS B 228 -1.26 -29.96 2.19
C LYS B 228 -2.00 -31.24 2.56
N GLU B 229 -3.27 -31.11 2.89
CA GLU B 229 -4.09 -32.26 3.27
C GLU B 229 -5.34 -32.34 2.40
N VAL B 230 -5.45 -31.45 1.42
CA VAL B 230 -6.60 -31.42 0.53
C VAL B 230 -6.16 -31.18 -0.92
N GLN B 231 -6.54 -32.09 -1.80
CA GLN B 231 -6.20 -31.98 -3.21
C GLN B 231 -6.98 -30.85 -3.85
N VAL B 232 -6.27 -29.96 -4.55
CA VAL B 232 -6.85 -28.80 -5.24
C VAL B 232 -8.01 -28.14 -4.51
N MET C 13 -9.18 13.28 24.42
CA MET C 13 -10.26 13.78 23.54
C MET C 13 -11.16 12.63 23.10
N LYS C 14 -12.40 12.64 23.58
CA LYS C 14 -13.39 11.61 23.24
C LYS C 14 -14.69 12.31 22.89
N ILE C 15 -15.30 11.91 21.78
CA ILE C 15 -16.54 12.52 21.32
C ILE C 15 -17.60 11.45 21.09
N ASP C 16 -18.76 11.63 21.70
CA ASP C 16 -19.86 10.68 21.51
C ASP C 16 -20.48 10.85 20.13
N ILE C 17 -20.81 9.72 19.50
CA ILE C 17 -21.41 9.71 18.16
C ILE C 17 -22.57 8.73 18.10
N LEU C 18 -23.63 9.11 17.40
CA LEU C 18 -24.84 8.31 17.27
C LEU C 18 -25.40 8.04 18.68
N ASP C 19 -26.01 6.88 18.90
CA ASP C 19 -26.56 6.61 20.22
C ASP C 19 -25.63 5.96 21.23
N LYS C 20 -24.66 5.18 20.76
CA LYS C 20 -23.74 4.52 21.67
C LYS C 20 -22.30 4.55 21.18
N GLY C 21 -22.07 5.22 20.06
CA GLY C 21 -20.73 5.24 19.51
C GLY C 21 -19.83 6.35 20.02
N PHE C 22 -18.58 6.33 19.59
CA PHE C 22 -17.62 7.36 19.98
C PHE C 22 -16.37 7.29 19.14
N VAL C 23 -15.60 8.38 19.20
CA VAL C 23 -14.31 8.47 18.55
C VAL C 23 -13.43 9.03 19.66
N GLU C 24 -12.31 8.37 19.91
CA GLU C 24 -11.38 8.82 20.94
C GLU C 24 -9.98 8.87 20.37
N LEU C 25 -9.21 9.89 20.72
CA LEU C 25 -7.83 9.94 20.26
C LEU C 25 -6.98 9.21 21.29
N VAL C 26 -6.20 8.24 20.84
CA VAL C 26 -5.36 7.44 21.72
C VAL C 26 -3.93 7.96 21.77
N ASP C 27 -3.38 8.27 20.61
CA ASP C 27 -2.00 8.75 20.53
C ASP C 27 -1.82 9.54 19.25
N VAL C 28 -0.73 10.31 19.18
CA VAL C 28 -0.44 11.10 18.00
C VAL C 28 1.05 11.34 17.94
N MET C 29 1.62 11.19 16.75
CA MET C 29 3.03 11.44 16.57
C MET C 29 3.15 12.60 15.59
N GLY C 30 3.89 13.62 16.01
CA GLY C 30 4.07 14.78 15.18
C GLY C 30 3.00 15.82 15.34
N ASN C 31 3.18 16.91 14.61
CA ASN C 31 2.26 18.02 14.62
C ASN C 31 2.56 18.77 13.34
N ASP C 32 1.97 19.96 13.18
CA ASP C 32 2.23 20.73 11.98
C ASP C 32 3.72 20.87 11.65
N LEU C 33 4.55 21.07 12.67
CA LEU C 33 5.98 21.26 12.44
C LEU C 33 6.70 20.04 11.86
N SER C 34 6.12 18.86 12.04
CA SER C 34 6.70 17.64 11.49
C SER C 34 6.67 17.72 9.97
N ALA C 35 5.58 18.23 9.41
CA ALA C 35 5.45 18.35 7.97
C ALA C 35 6.44 19.42 7.47
N VAL C 36 6.63 20.47 8.26
CA VAL C 36 7.55 21.52 7.86
C VAL C 36 8.97 20.96 7.79
N ARG C 37 9.37 20.24 8.82
CA ARG C 37 10.70 19.64 8.89
C ARG C 37 10.91 18.69 7.72
N ALA C 38 9.89 17.89 7.41
CA ALA C 38 9.97 16.92 6.32
C ALA C 38 10.10 17.59 4.96
N ALA C 39 9.36 18.67 4.74
CA ALA C 39 9.40 19.39 3.48
C ALA C 39 10.72 20.14 3.26
N ARG C 40 11.18 20.83 4.29
CA ARG C 40 12.40 21.62 4.18
C ARG C 40 13.64 20.79 3.87
N VAL C 41 13.60 19.50 4.18
CA VAL C 41 14.77 18.66 3.90
C VAL C 41 15.13 18.65 2.41
N SER C 42 14.16 18.96 1.54
CA SER C 42 14.43 19.00 0.11
C SER C 42 15.52 20.01 -0.23
N PHE C 43 15.53 21.12 0.52
CA PHE C 43 16.51 22.16 0.32
C PHE C 43 17.55 22.12 1.43
N ASP C 44 17.65 20.98 2.10
CA ASP C 44 18.59 20.79 3.20
C ASP C 44 18.42 21.83 4.30
N MET C 45 17.17 22.10 4.67
CA MET C 45 16.89 23.07 5.72
C MET C 45 15.99 22.48 6.79
N GLY C 46 15.77 23.23 7.86
CA GLY C 46 14.92 22.77 8.95
C GLY C 46 13.81 23.76 9.20
N LEU C 47 13.50 24.00 10.47
CA LEU C 47 12.44 24.94 10.84
C LEU C 47 13.00 26.36 10.81
N LYS C 48 12.11 27.34 10.70
CA LYS C 48 12.52 28.73 10.69
C LYS C 48 11.78 29.46 11.81
N ASP C 49 10.60 29.99 11.51
CA ASP C 49 9.79 30.66 12.52
C ASP C 49 8.31 30.40 12.28
N GLU C 50 7.48 30.73 13.26
CA GLU C 50 6.04 30.52 13.17
C GLU C 50 5.45 31.02 11.86
N GLU C 51 5.69 32.28 11.55
CA GLU C 51 5.16 32.88 10.33
C GLU C 51 5.59 32.14 9.07
N ARG C 52 6.89 31.88 8.95
CA ARG C 52 7.41 31.19 7.78
C ARG C 52 6.95 29.74 7.70
N ASP C 53 6.91 29.07 8.85
CA ASP C 53 6.50 27.68 8.88
C ASP C 53 5.02 27.50 8.55
N ARG C 54 4.18 28.42 9.02
CA ARG C 54 2.76 28.32 8.73
C ARG C 54 2.55 28.58 7.23
N HIS C 55 3.33 29.53 6.71
CA HIS C 55 3.26 29.88 5.30
C HIS C 55 3.66 28.70 4.42
N LEU C 56 4.65 27.92 4.86
CA LEU C 56 5.10 26.76 4.11
C LEU C 56 4.00 25.71 4.04
N ILE C 57 3.31 25.51 5.15
CA ILE C 57 2.21 24.55 5.20
C ILE C 57 1.18 24.94 4.14
N GLU C 58 0.83 26.22 4.06
CA GLU C 58 -0.13 26.64 3.06
C GLU C 58 0.39 26.40 1.64
N TYR C 59 1.66 26.69 1.40
CA TYR C 59 2.28 26.50 0.09
C TYR C 59 2.23 25.03 -0.33
N LEU C 60 2.57 24.13 0.60
CA LEU C 60 2.55 22.71 0.30
C LEU C 60 1.15 22.27 -0.11
N MET C 61 0.16 22.68 0.67
CA MET C 61 -1.23 22.32 0.43
C MET C 61 -1.72 22.90 -0.90
N LYS C 62 -1.39 24.17 -1.13
CA LYS C 62 -1.80 24.88 -2.33
C LYS C 62 -1.21 24.26 -3.61
N HIS C 63 0.03 23.77 -3.54
CA HIS C 63 0.69 23.19 -4.69
C HIS C 63 0.66 21.67 -4.78
N GLY C 64 -0.07 21.03 -3.87
CA GLY C 64 -0.18 19.58 -3.90
C GLY C 64 1.02 18.77 -3.45
N HIS C 65 1.87 19.33 -2.59
CA HIS C 65 3.02 18.58 -2.07
C HIS C 65 2.50 17.90 -0.83
N GLU C 66 2.00 16.68 -0.99
CA GLU C 66 1.36 15.93 0.08
C GLU C 66 2.21 15.00 0.94
N THR C 67 3.35 14.54 0.42
CA THR C 67 4.13 13.58 1.21
C THR C 67 4.61 14.04 2.59
N PRO C 68 4.89 15.35 2.77
CA PRO C 68 5.36 15.76 4.11
C PRO C 68 4.34 15.49 5.21
N PHE C 69 3.06 15.47 4.86
CA PHE C 69 1.99 15.23 5.84
C PHE C 69 1.88 13.77 6.29
N GLU C 70 2.57 12.89 5.58
CA GLU C 70 2.55 11.49 5.95
C GLU C 70 3.32 11.25 7.25
N HIS C 71 4.10 12.24 7.68
CA HIS C 71 4.89 12.06 8.90
C HIS C 71 4.13 12.39 10.18
N ILE C 72 2.88 12.82 10.03
CA ILE C 72 2.02 13.08 11.18
C ILE C 72 1.12 11.86 11.25
N VAL C 73 1.11 11.16 12.39
CA VAL C 73 0.31 9.94 12.51
C VAL C 73 -0.60 9.96 13.73
N PHE C 74 -1.82 9.50 13.56
CA PHE C 74 -2.82 9.44 14.63
C PHE C 74 -3.28 8.03 14.90
N THR C 75 -3.64 7.74 16.15
CA THR C 75 -4.23 6.46 16.47
C THR C 75 -5.54 6.80 17.18
N PHE C 76 -6.64 6.30 16.62
CA PHE C 76 -7.98 6.52 17.16
C PHE C 76 -8.58 5.21 17.68
N HIS C 77 -9.50 5.34 18.62
CA HIS C 77 -10.23 4.20 19.16
C HIS C 77 -11.67 4.58 18.80
N VAL C 78 -12.32 3.72 18.01
CA VAL C 78 -13.66 4.02 17.51
C VAL C 78 -14.67 2.92 17.79
N LYS C 79 -15.90 3.33 18.10
CA LYS C 79 -16.99 2.38 18.33
C LYS C 79 -18.06 2.82 17.36
N ALA C 80 -18.39 1.94 16.41
CA ALA C 80 -19.35 2.25 15.35
C ALA C 80 -20.09 1.01 14.88
N PRO C 81 -21.27 1.19 14.27
CA PRO C 81 -22.06 0.07 13.76
C PRO C 81 -21.30 -0.62 12.62
N ILE C 82 -21.52 -1.92 12.45
CA ILE C 82 -20.82 -2.65 11.40
C ILE C 82 -21.00 -2.04 10.01
N PHE C 83 -22.21 -1.59 9.67
CA PHE C 83 -22.38 -1.03 8.32
C PHE C 83 -21.52 0.22 8.13
N VAL C 84 -21.23 0.94 9.21
CA VAL C 84 -20.34 2.11 9.12
C VAL C 84 -18.90 1.63 9.01
N ALA C 85 -18.54 0.62 9.80
CA ALA C 85 -17.18 0.09 9.76
C ALA C 85 -16.84 -0.49 8.38
N ARG C 86 -17.80 -1.14 7.73
CA ARG C 86 -17.54 -1.70 6.40
C ARG C 86 -17.10 -0.62 5.44
N GLN C 87 -17.73 0.55 5.51
CA GLN C 87 -17.36 1.66 4.63
C GLN C 87 -15.98 2.20 5.07
N TRP C 88 -15.81 2.37 6.37
CA TRP C 88 -14.57 2.91 6.91
C TRP C 88 -13.33 2.07 6.55
N PHE C 89 -13.46 0.76 6.72
CA PHE C 89 -12.36 -0.16 6.45
C PHE C 89 -12.02 -0.29 4.97
N ARG C 90 -12.77 0.38 4.09
CA ARG C 90 -12.40 0.37 2.67
C ARG C 90 -11.18 1.26 2.44
N HIS C 91 -10.85 2.11 3.43
CA HIS C 91 -9.69 3.00 3.35
C HIS C 91 -8.48 2.13 3.71
N ARG C 92 -7.81 1.64 2.68
CA ARG C 92 -6.70 0.71 2.85
C ARG C 92 -5.38 1.25 3.37
N ILE C 93 -5.13 2.55 3.17
CA ILE C 93 -3.87 3.14 3.61
C ILE C 93 -4.05 3.57 5.05
N ALA C 94 -4.04 2.56 5.92
CA ALA C 94 -4.25 2.74 7.35
C ALA C 94 -4.08 1.36 7.98
N SER C 95 -4.09 1.33 9.31
CA SER C 95 -3.97 0.09 10.06
C SER C 95 -5.17 -0.05 10.97
N TYR C 96 -5.68 -1.27 11.08
CA TYR C 96 -6.87 -1.55 11.89
C TYR C 96 -6.73 -2.80 12.75
N ASN C 97 -7.34 -2.78 13.93
CA ASN C 97 -7.44 -3.97 14.77
C ASN C 97 -8.82 -3.84 15.38
N GLU C 98 -9.65 -4.84 15.13
CA GLU C 98 -11.05 -4.85 15.53
C GLU C 98 -11.54 -6.01 16.38
N LEU C 99 -12.58 -5.72 17.17
CA LEU C 99 -13.27 -6.71 18.01
C LEU C 99 -13.69 -7.88 17.10
N SER C 100 -13.59 -9.10 17.60
CA SER C 100 -13.95 -10.26 16.79
C SER C 100 -15.20 -11.01 17.24
N GLY C 101 -16.10 -11.29 16.29
CA GLY C 101 -17.31 -12.02 16.59
C GLY C 101 -17.02 -13.51 16.61
N ARG C 102 -15.87 -13.91 16.10
CA ARG C 102 -15.50 -15.32 16.12
C ARG C 102 -14.97 -15.71 17.50
N TYR C 103 -14.26 -14.78 18.13
CA TYR C 103 -13.65 -15.07 19.42
C TYR C 103 -14.36 -14.56 20.67
N SER C 104 -15.06 -13.44 20.57
CA SER C 104 -15.73 -12.91 21.74
C SER C 104 -17.24 -13.07 21.69
N LYS C 105 -17.86 -13.12 22.86
CA LYS C 105 -19.31 -13.21 22.93
C LYS C 105 -19.73 -11.77 22.75
N LEU C 106 -20.67 -11.52 21.85
CA LEU C 106 -21.11 -10.16 21.57
C LEU C 106 -22.14 -9.60 22.54
N SER C 107 -21.98 -8.32 22.87
CA SER C 107 -22.87 -7.63 23.79
C SER C 107 -24.09 -7.08 23.08
N TYR C 108 -25.10 -6.73 23.87
CA TYR C 108 -26.36 -6.20 23.35
C TYR C 108 -26.26 -4.71 23.06
N GLU C 109 -25.49 -4.35 22.03
CA GLU C 109 -25.35 -2.95 21.68
C GLU C 109 -25.56 -2.75 20.18
N PHE C 110 -26.64 -2.07 19.85
CA PHE C 110 -27.01 -1.81 18.47
C PHE C 110 -27.40 -0.37 18.22
N TYR C 111 -27.23 0.07 16.98
CA TYR C 111 -27.59 1.42 16.60
C TYR C 111 -29.05 1.44 16.20
N ILE C 112 -29.86 2.12 17.00
CA ILE C 112 -31.28 2.23 16.73
C ILE C 112 -31.50 3.68 16.36
N PRO C 113 -31.74 3.97 15.08
CA PRO C 113 -31.95 5.35 14.64
C PRO C 113 -33.13 5.99 15.34
N SER C 114 -32.99 7.25 15.74
CA SER C 114 -34.09 7.93 16.38
C SER C 114 -34.98 8.42 15.23
N PRO C 115 -36.25 8.72 15.51
CA PRO C 115 -37.19 9.20 14.48
C PRO C 115 -36.66 10.34 13.61
N GLU C 116 -35.84 11.20 14.19
CA GLU C 116 -35.26 12.34 13.48
C GLU C 116 -34.43 11.94 12.26
N ARG C 117 -33.94 10.70 12.25
CA ARG C 117 -33.12 10.22 11.14
C ARG C 117 -33.89 10.26 9.83
N LEU C 118 -35.22 10.21 9.93
CA LEU C 118 -36.07 10.22 8.75
C LEU C 118 -36.66 11.60 8.45
N GLU C 119 -36.15 12.62 9.12
CA GLU C 119 -36.63 13.98 8.91
C GLU C 119 -36.36 14.41 7.47
N GLY C 120 -37.42 14.73 6.74
CA GLY C 120 -37.27 15.17 5.36
C GLY C 120 -37.80 14.14 4.37
N TYR C 121 -37.94 12.90 4.84
CA TYR C 121 -38.44 11.82 3.99
C TYR C 121 -39.93 11.56 4.22
N LYS C 122 -40.62 11.19 3.15
CA LYS C 122 -42.04 10.91 3.21
C LYS C 122 -42.29 9.41 3.36
N THR C 123 -42.70 9.01 4.56
CA THR C 123 -42.97 7.60 4.83
C THR C 123 -44.46 7.40 5.12
N THR C 124 -44.97 6.21 4.83
CA THR C 124 -46.38 5.91 5.06
C THR C 124 -46.65 5.61 6.53
N ILE C 125 -45.61 5.23 7.26
CA ILE C 125 -45.76 4.94 8.69
C ILE C 125 -44.93 5.93 9.50
N PRO C 126 -45.47 6.37 10.64
CA PRO C 126 -44.75 7.32 11.51
C PRO C 126 -43.31 6.89 11.77
N PRO C 127 -42.37 7.85 11.70
CA PRO C 127 -40.96 7.55 11.93
C PRO C 127 -40.73 6.76 13.23
N GLU C 128 -41.45 7.11 14.29
CA GLU C 128 -41.29 6.44 15.57
C GLU C 128 -41.54 4.94 15.43
N ARG C 129 -42.42 4.58 14.50
CA ARG C 129 -42.74 3.17 14.29
C ARG C 129 -41.61 2.45 13.56
N VAL C 130 -40.88 3.19 12.74
CA VAL C 130 -39.74 2.62 12.03
C VAL C 130 -38.70 2.26 13.08
N THR C 131 -38.48 3.18 14.01
CA THR C 131 -37.53 2.98 15.10
C THR C 131 -37.96 1.74 15.87
N GLU C 132 -39.26 1.63 16.13
CA GLU C 132 -39.81 0.51 16.88
C GLU C 132 -39.64 -0.82 16.15
N LYS C 133 -39.84 -0.82 14.84
CA LYS C 133 -39.68 -2.04 14.06
C LYS C 133 -38.23 -2.52 14.06
N ILE C 134 -37.30 -1.58 13.95
CA ILE C 134 -35.89 -1.93 13.94
C ILE C 134 -35.52 -2.55 15.29
N SER C 135 -35.98 -1.93 16.36
CA SER C 135 -35.70 -2.45 17.70
C SER C 135 -36.21 -3.89 17.85
N GLU C 136 -37.38 -4.15 17.28
CA GLU C 136 -37.99 -5.49 17.36
C GLU C 136 -37.12 -6.55 16.71
N ILE C 137 -36.67 -6.30 15.50
CA ILE C 137 -35.81 -7.26 14.80
C ILE C 137 -34.54 -7.46 15.60
N VAL C 138 -33.94 -6.36 16.04
CA VAL C 138 -32.71 -6.44 16.81
C VAL C 138 -32.89 -7.35 18.01
N ASP C 139 -33.98 -7.15 18.74
CA ASP C 139 -34.27 -7.94 19.92
C ASP C 139 -34.40 -9.42 19.58
N LYS C 140 -35.14 -9.71 18.52
CA LYS C 140 -35.33 -11.09 18.10
C LYS C 140 -34.03 -11.75 17.67
N ALA C 141 -33.25 -11.03 16.87
CA ALA C 141 -31.99 -11.57 16.37
C ALA C 141 -31.02 -11.86 17.51
N TYR C 142 -30.89 -10.92 18.44
CA TYR C 142 -29.98 -11.10 19.54
C TYR C 142 -30.40 -12.25 20.43
N ARG C 143 -31.69 -12.36 20.70
CA ARG C 143 -32.19 -13.44 21.54
C ARG C 143 -31.83 -14.77 20.89
N THR C 144 -32.06 -14.86 19.58
CA THR C 144 -31.75 -16.07 18.82
C THR C 144 -30.27 -16.39 18.95
N TYR C 145 -29.44 -15.35 18.82
CA TYR C 145 -27.99 -15.49 18.93
C TYR C 145 -27.59 -16.10 20.29
N LEU C 146 -28.10 -15.51 21.36
CA LEU C 146 -27.79 -16.00 22.71
C LEU C 146 -28.24 -17.43 22.91
N GLU C 147 -29.42 -17.75 22.40
CA GLU C 147 -29.99 -19.09 22.51
C GLU C 147 -29.07 -20.12 21.85
N LEU C 148 -28.53 -19.77 20.69
CA LEU C 148 -27.65 -20.67 19.97
C LEU C 148 -26.33 -20.89 20.73
N ILE C 149 -25.74 -19.80 21.22
CA ILE C 149 -24.49 -19.90 21.96
C ILE C 149 -24.61 -20.77 23.20
N GLU C 150 -25.70 -20.61 23.94
CA GLU C 150 -25.91 -21.38 25.15
C GLU C 150 -26.23 -22.85 24.84
N SER C 151 -26.56 -23.14 23.58
CA SER C 151 -26.86 -24.50 23.17
C SER C 151 -25.63 -25.22 22.64
N GLY C 152 -24.50 -24.52 22.63
CA GLY C 152 -23.27 -25.13 22.16
C GLY C 152 -22.85 -24.77 20.75
N VAL C 153 -23.61 -23.91 20.08
CA VAL C 153 -23.28 -23.51 18.73
C VAL C 153 -22.08 -22.56 18.75
N PRO C 154 -21.06 -22.84 17.93
CA PRO C 154 -19.85 -22.01 17.87
C PRO C 154 -20.21 -20.54 17.64
N ARG C 155 -19.53 -19.65 18.35
CA ARG C 155 -19.77 -18.22 18.24
C ARG C 155 -19.70 -17.72 16.80
N GLU C 156 -18.72 -18.20 16.03
CA GLU C 156 -18.54 -17.76 14.65
C GLU C 156 -19.72 -18.08 13.74
N VAL C 157 -20.54 -19.05 14.15
CA VAL C 157 -21.71 -19.43 13.37
C VAL C 157 -22.95 -18.73 13.92
N ALA C 158 -23.08 -18.70 15.24
CA ALA C 158 -24.23 -18.07 15.86
C ALA C 158 -24.39 -16.59 15.50
N ARG C 159 -23.27 -15.88 15.41
CA ARG C 159 -23.34 -14.46 15.11
C ARG C 159 -23.82 -14.09 13.70
N ILE C 160 -23.98 -15.06 12.81
CA ILE C 160 -24.40 -14.68 11.47
C ILE C 160 -25.84 -14.17 11.40
N VAL C 161 -26.60 -14.35 12.48
CA VAL C 161 -27.98 -13.88 12.52
C VAL C 161 -28.08 -12.43 13.01
N LEU C 162 -26.96 -11.87 13.44
CA LEU C 162 -26.98 -10.50 13.93
C LEU C 162 -26.99 -9.50 12.79
N PRO C 163 -27.80 -8.44 12.93
CA PRO C 163 -27.92 -7.40 11.91
C PRO C 163 -26.72 -6.46 11.81
N LEU C 164 -26.69 -5.74 10.70
CA LEU C 164 -25.62 -4.81 10.39
C LEU C 164 -25.49 -3.59 11.29
N ASN C 165 -26.49 -3.35 12.15
CA ASN C 165 -26.42 -2.22 13.05
C ASN C 165 -25.76 -2.56 14.39
N LEU C 166 -25.23 -3.77 14.50
CA LEU C 166 -24.51 -4.18 15.71
C LEU C 166 -23.24 -3.30 15.82
N TYR C 167 -22.93 -2.81 17.03
CA TYR C 167 -21.74 -2.01 17.22
C TYR C 167 -20.48 -2.86 17.34
N THR C 168 -19.40 -2.35 16.75
CA THR C 168 -18.11 -3.01 16.84
C THR C 168 -17.14 -1.95 17.37
N ARG C 169 -15.91 -2.34 17.64
CA ARG C 169 -14.94 -1.40 18.17
C ARG C 169 -13.60 -1.71 17.53
N PHE C 170 -12.85 -0.67 17.19
CA PHE C 170 -11.54 -0.87 16.57
C PHE C 170 -10.56 0.25 16.82
N PHE C 171 -9.28 -0.07 16.63
CA PHE C 171 -8.22 0.91 16.72
C PHE C 171 -7.88 1.22 15.27
N TRP C 172 -7.62 2.49 14.98
CA TRP C 172 -7.32 2.96 13.62
C TRP C 172 -6.08 3.84 13.66
N THR C 173 -5.00 3.42 13.00
CA THR C 173 -3.79 4.23 12.95
C THR C 173 -3.67 4.69 11.50
N VAL C 174 -3.59 6.00 11.35
CA VAL C 174 -3.61 6.60 10.02
C VAL C 174 -2.78 7.89 9.96
N ASN C 175 -2.09 8.15 8.86
CA ASN C 175 -1.29 9.38 8.78
C ASN C 175 -2.16 10.52 8.23
N ALA C 176 -1.66 11.75 8.38
CA ALA C 176 -2.47 12.91 7.98
C ALA C 176 -2.86 12.97 6.51
N ARG C 177 -2.02 12.46 5.63
CA ARG C 177 -2.37 12.48 4.22
C ARG C 177 -3.57 11.58 3.95
N SER C 178 -3.53 10.35 4.46
CA SER C 178 -4.64 9.46 4.28
C SER C 178 -5.89 9.95 5.04
N LEU C 179 -5.67 10.60 6.18
CA LEU C 179 -6.78 11.14 6.97
C LEU C 179 -7.48 12.24 6.17
N MET C 180 -6.72 13.05 5.45
CA MET C 180 -7.32 14.11 4.63
C MET C 180 -8.13 13.48 3.48
N ASN C 181 -7.65 12.35 2.94
CA ASN C 181 -8.41 11.67 1.89
C ASN C 181 -9.73 11.19 2.50
N PHE C 182 -9.66 10.62 3.71
CA PHE C 182 -10.84 10.14 4.41
C PHE C 182 -11.85 11.29 4.62
N LEU C 183 -11.36 12.46 4.99
CA LEU C 183 -12.29 13.59 5.19
C LEU C 183 -12.89 14.08 3.87
N ASN C 184 -12.09 14.11 2.80
CA ASN C 184 -12.63 14.52 1.50
C ASN C 184 -13.81 13.63 1.10
N LEU C 185 -13.70 12.34 1.38
CA LEU C 185 -14.72 11.40 0.99
C LEU C 185 -15.86 11.19 1.96
N ARG C 186 -15.56 11.26 3.25
CA ARG C 186 -16.57 10.97 4.26
C ARG C 186 -17.22 12.19 4.92
N ALA C 187 -16.48 13.30 4.99
CA ALA C 187 -17.06 14.54 5.52
C ALA C 187 -17.64 15.22 4.28
N ASP C 188 -18.64 14.56 3.71
CA ASP C 188 -19.27 15.04 2.49
C ASP C 188 -20.70 14.55 2.46
N SER C 189 -21.59 15.34 1.87
CA SER C 189 -23.00 14.98 1.83
C SER C 189 -23.34 13.71 1.04
N HIS C 190 -22.44 13.28 0.16
CA HIS C 190 -22.71 12.06 -0.60
C HIS C 190 -22.46 10.82 0.21
N ALA C 191 -21.69 10.95 1.29
CA ALA C 191 -21.41 9.82 2.15
C ALA C 191 -22.65 9.55 3.03
N GLN C 192 -22.77 8.33 3.55
CA GLN C 192 -23.93 8.03 4.39
C GLN C 192 -23.90 8.94 5.61
N TRP C 193 -25.07 9.46 5.99
CA TRP C 193 -25.13 10.37 7.13
C TRP C 193 -24.38 9.88 8.36
N GLU C 194 -24.56 8.61 8.70
CA GLU C 194 -23.93 8.05 9.87
C GLU C 194 -22.40 8.19 9.85
N ILE C 195 -21.76 7.90 8.72
CA ILE C 195 -20.31 8.05 8.72
C ILE C 195 -19.90 9.53 8.65
N GLN C 196 -20.77 10.39 8.12
CA GLN C 196 -20.45 11.82 8.10
C GLN C 196 -20.26 12.31 9.54
N GLN C 197 -21.09 11.79 10.45
CA GLN C 197 -20.98 12.20 11.85
C GLN C 197 -19.64 11.82 12.44
N TYR C 198 -19.15 10.63 12.10
CA TYR C 198 -17.85 10.21 12.60
C TYR C 198 -16.75 11.05 11.99
N ALA C 199 -16.90 11.37 10.70
CA ALA C 199 -15.91 12.18 10.00
C ALA C 199 -15.83 13.58 10.62
N LEU C 200 -16.97 14.11 11.05
CA LEU C 200 -16.94 15.44 11.66
C LEU C 200 -16.16 15.38 12.97
N ALA C 201 -16.29 14.26 13.70
CA ALA C 201 -15.57 14.12 14.96
C ALA C 201 -14.08 13.98 14.69
N ILE C 202 -13.73 13.18 13.68
CA ILE C 202 -12.33 12.99 13.31
C ILE C 202 -11.76 14.36 12.91
N ALA C 203 -12.54 15.13 12.15
CA ALA C 203 -12.10 16.45 11.73
C ALA C 203 -11.82 17.39 12.92
N ARG C 204 -12.69 17.37 13.93
CA ARG C 204 -12.51 18.20 15.12
C ARG C 204 -11.19 17.86 15.81
N ILE C 205 -10.92 16.57 15.97
CA ILE C 205 -9.68 16.16 16.62
C ILE C 205 -8.47 16.56 15.79
N PHE C 206 -8.56 16.40 14.47
CA PHE C 206 -7.47 16.75 13.57
C PHE C 206 -7.19 18.26 13.70
N LYS C 207 -8.24 19.06 13.69
CA LYS C 207 -8.13 20.49 13.81
C LYS C 207 -7.41 20.89 15.11
N GLU C 208 -7.72 20.21 16.20
CA GLU C 208 -7.09 20.55 17.48
C GLU C 208 -5.63 20.20 17.54
N LYS C 209 -5.24 19.09 16.92
CA LYS C 209 -3.84 18.68 16.96
C LYS C 209 -2.96 19.29 15.88
N CYS C 210 -3.53 19.55 14.71
CA CYS C 210 -2.78 20.13 13.59
C CYS C 210 -3.60 21.27 12.99
N PRO C 211 -3.79 22.36 13.75
CA PRO C 211 -4.56 23.50 13.23
C PRO C 211 -4.08 24.12 11.93
N TRP C 212 -2.77 24.26 11.74
CA TRP C 212 -2.28 24.86 10.52
C TRP C 212 -2.58 23.98 9.32
N THR C 213 -2.35 22.68 9.47
CA THR C 213 -2.61 21.76 8.38
C THR C 213 -4.09 21.70 8.04
N PHE C 214 -4.93 21.63 9.08
CA PHE C 214 -6.36 21.56 8.88
C PHE C 214 -6.89 22.81 8.18
N GLU C 215 -6.41 23.98 8.60
CA GLU C 215 -6.85 25.22 7.98
C GLU C 215 -6.43 25.31 6.52
N ALA C 216 -5.18 24.95 6.23
CA ALA C 216 -4.71 24.99 4.86
C ALA C 216 -5.48 23.96 4.01
N PHE C 217 -5.78 22.83 4.62
CA PHE C 217 -6.53 21.78 3.94
C PHE C 217 -7.91 22.31 3.53
N LEU C 218 -8.62 22.91 4.48
CA LEU C 218 -9.95 23.44 4.17
C LEU C 218 -9.91 24.52 3.11
N LYS C 219 -8.86 25.34 3.14
CA LYS C 219 -8.75 26.44 2.19
C LYS C 219 -8.30 26.08 0.78
N TYR C 220 -7.41 25.10 0.65
CA TYR C 220 -6.88 24.76 -0.66
C TYR C 220 -7.10 23.38 -1.26
N ALA C 221 -7.37 22.36 -0.45
CA ALA C 221 -7.49 21.01 -0.98
C ALA C 221 -8.77 20.23 -0.70
N TYR C 222 -9.51 20.62 0.32
CA TYR C 222 -10.72 19.91 0.69
C TYR C 222 -11.76 19.90 -0.44
N LYS C 223 -12.17 18.70 -0.83
CA LYS C 223 -13.13 18.51 -1.92
C LYS C 223 -14.55 18.21 -1.47
N GLY C 224 -14.76 18.11 -0.16
CA GLY C 224 -16.09 17.82 0.35
C GLY C 224 -16.90 19.08 0.49
N ASP C 225 -18.07 18.99 1.09
CA ASP C 225 -18.89 20.20 1.25
C ASP C 225 -19.23 20.58 2.69
N ILE C 226 -19.52 19.60 3.53
CA ILE C 226 -19.91 19.90 4.89
C ILE C 226 -18.93 20.68 5.78
N LEU C 227 -17.62 20.44 5.65
CA LEU C 227 -16.67 21.15 6.51
C LEU C 227 -16.57 22.65 6.22
N LYS C 228 -17.11 23.07 5.08
CA LYS C 228 -17.10 24.49 4.73
C LYS C 228 -18.42 25.11 5.19
N GLU C 229 -19.35 24.26 5.57
CA GLU C 229 -20.67 24.70 6.06
C GLU C 229 -20.73 24.70 7.58
N VAL C 230 -20.02 23.77 8.20
CA VAL C 230 -20.00 23.65 9.67
C VAL C 230 -18.74 24.30 10.24
N MET D 13 18.56 9.65 20.42
CA MET D 13 19.51 8.62 19.97
C MET D 13 19.98 8.85 18.54
N LYS D 14 21.29 8.78 18.37
CA LYS D 14 21.95 8.97 17.08
C LYS D 14 23.10 7.98 17.03
N ILE D 15 23.28 7.35 15.87
CA ILE D 15 24.34 6.38 15.68
C ILE D 15 25.07 6.72 14.40
N ASP D 16 26.40 6.83 14.47
CA ASP D 16 27.20 7.14 13.30
C ASP D 16 27.42 5.88 12.47
N ILE D 17 27.31 6.02 11.14
CA ILE D 17 27.45 4.89 10.24
C ILE D 17 28.41 5.24 9.11
N LEU D 18 29.21 4.26 8.68
CA LEU D 18 30.17 4.46 7.60
C LEU D 18 31.09 5.63 7.95
N ASP D 19 31.55 6.39 6.97
CA ASP D 19 32.46 7.48 7.28
C ASP D 19 31.83 8.83 7.60
N LYS D 20 30.63 9.09 7.06
CA LYS D 20 29.97 10.37 7.30
C LYS D 20 28.47 10.22 7.54
N GLY D 21 28.00 8.99 7.56
CA GLY D 21 26.57 8.76 7.73
C GLY D 21 26.08 8.66 9.15
N PHE D 22 24.76 8.60 9.30
CA PHE D 22 24.15 8.45 10.61
C PHE D 22 22.69 8.05 10.51
N VAL D 23 22.17 7.59 11.64
CA VAL D 23 20.77 7.23 11.78
C VAL D 23 20.39 7.88 13.10
N GLU D 24 19.38 8.72 13.05
CA GLU D 24 18.91 9.45 14.22
C GLU D 24 17.42 9.22 14.41
N LEU D 25 16.99 8.99 15.65
CA LEU D 25 15.57 8.82 15.92
C LEU D 25 14.96 10.19 16.16
N VAL D 26 13.93 10.52 15.39
CA VAL D 26 13.26 11.81 15.47
C VAL D 26 12.02 11.78 16.37
N ASP D 27 11.22 10.72 16.22
CA ASP D 27 10.00 10.62 16.99
C ASP D 27 9.54 9.17 17.00
N VAL D 28 8.66 8.84 17.93
CA VAL D 28 8.11 7.50 18.04
C VAL D 28 6.72 7.59 18.68
N MET D 29 5.80 6.79 18.18
CA MET D 29 4.47 6.74 18.74
C MET D 29 4.20 5.29 19.13
N GLY D 30 3.79 5.09 20.38
CA GLY D 30 3.49 3.76 20.83
C GLY D 30 4.69 3.05 21.42
N ASN D 31 4.44 1.87 21.98
CA ASN D 31 5.46 1.02 22.58
C ASN D 31 4.92 -0.40 22.60
N ASP D 32 5.63 -1.31 23.28
CA ASP D 32 5.18 -2.69 23.34
C ASP D 32 3.71 -2.82 23.75
N LEU D 33 3.26 -1.97 24.68
CA LEU D 33 1.88 -2.04 25.15
C LEU D 33 0.85 -1.65 24.09
N SER D 34 1.27 -0.87 23.09
CA SER D 34 0.37 -0.48 22.01
C SER D 34 -0.08 -1.73 21.26
N ALA D 35 0.87 -2.64 21.03
CA ALA D 35 0.56 -3.88 20.33
C ALA D 35 -0.32 -4.77 21.20
N VAL D 36 -0.06 -4.79 22.50
CA VAL D 36 -0.86 -5.62 23.39
C VAL D 36 -2.32 -5.20 23.35
N ARG D 37 -2.56 -3.89 23.49
CA ARG D 37 -3.91 -3.35 23.48
C ARG D 37 -4.61 -3.65 22.16
N ALA D 38 -3.88 -3.46 21.06
CA ALA D 38 -4.46 -3.71 19.73
C ALA D 38 -4.83 -5.18 19.57
N ALA D 39 -4.05 -6.06 20.19
CA ALA D 39 -4.32 -7.49 20.09
C ALA D 39 -5.52 -7.89 20.93
N ARG D 40 -5.58 -7.37 22.15
CA ARG D 40 -6.66 -7.68 23.09
C ARG D 40 -8.04 -7.19 22.68
N VAL D 41 -8.10 -6.18 21.81
CA VAL D 41 -9.41 -5.66 21.38
C VAL D 41 -10.24 -6.76 20.72
N SER D 42 -9.58 -7.77 20.16
CA SER D 42 -10.27 -8.88 19.50
C SER D 42 -11.25 -9.56 20.48
N PHE D 43 -10.83 -9.67 21.73
CA PHE D 43 -11.66 -10.29 22.75
C PHE D 43 -12.31 -9.25 23.65
N ASP D 44 -12.38 -8.01 23.17
CA ASP D 44 -12.97 -6.91 23.90
C ASP D 44 -12.25 -6.69 25.23
N MET D 45 -10.93 -6.75 25.19
CA MET D 45 -10.11 -6.56 26.38
C MET D 45 -9.00 -5.56 26.11
N GLY D 46 -8.30 -5.17 27.17
CA GLY D 46 -7.21 -4.23 27.05
C GLY D 46 -5.95 -4.78 27.69
N LEU D 47 -5.25 -3.94 28.46
CA LEU D 47 -4.04 -4.37 29.14
C LEU D 47 -4.39 -5.16 30.39
N LYS D 48 -3.48 -6.02 30.81
CA LYS D 48 -3.68 -6.83 32.01
C LYS D 48 -2.52 -6.57 32.97
N ASP D 49 -1.54 -7.46 32.97
CA ASP D 49 -0.37 -7.31 33.84
C ASP D 49 0.93 -7.47 33.07
N GLU D 50 1.96 -6.82 33.59
CA GLU D 50 3.30 -6.85 32.99
C GLU D 50 3.74 -8.24 32.53
N GLU D 51 3.37 -9.26 33.27
CA GLU D 51 3.76 -10.63 32.93
C GLU D 51 2.90 -11.22 31.81
N ARG D 52 1.59 -11.08 31.94
CA ARG D 52 0.67 -11.62 30.93
C ARG D 52 0.88 -10.88 29.61
N ASP D 53 1.08 -9.58 29.69
CA ASP D 53 1.26 -8.75 28.50
C ASP D 53 2.50 -9.10 27.69
N ARG D 54 3.62 -9.40 28.35
CA ARG D 54 4.82 -9.75 27.61
C ARG D 54 4.63 -11.11 26.96
N HIS D 55 3.94 -12.01 27.66
CA HIS D 55 3.68 -13.34 27.14
C HIS D 55 2.83 -13.21 25.88
N LEU D 56 1.93 -12.23 25.87
CA LEU D 56 1.07 -12.01 24.71
C LEU D 56 1.90 -11.57 23.51
N ILE D 57 2.86 -10.68 23.74
CA ILE D 57 3.72 -10.23 22.63
C ILE D 57 4.45 -11.43 22.05
N GLU D 58 4.91 -12.33 22.91
CA GLU D 58 5.60 -13.52 22.43
C GLU D 58 4.63 -14.39 21.64
N TYR D 59 3.40 -14.48 22.15
CA TYR D 59 2.36 -15.27 21.49
C TYR D 59 2.10 -14.74 20.09
N LEU D 60 1.91 -13.43 19.99
CA LEU D 60 1.64 -12.81 18.70
C LEU D 60 2.76 -13.08 17.70
N MET D 61 4.00 -12.91 18.15
CA MET D 61 5.15 -13.12 17.28
C MET D 61 5.27 -14.58 16.84
N LYS D 62 5.13 -15.50 17.79
CA LYS D 62 5.23 -16.92 17.49
C LYS D 62 4.19 -17.42 16.50
N HIS D 63 2.97 -16.88 16.58
CA HIS D 63 1.90 -17.31 15.69
C HIS D 63 1.63 -16.44 14.47
N GLY D 64 2.50 -15.46 14.23
CA GLY D 64 2.34 -14.61 13.07
C GLY D 64 1.21 -13.59 13.09
N HIS D 65 0.79 -13.15 14.27
CA HIS D 65 -0.26 -12.14 14.39
C HIS D 65 0.49 -10.82 14.30
N GLU D 66 0.64 -10.31 13.08
CA GLU D 66 1.43 -9.11 12.84
C GLU D 66 0.77 -7.73 12.87
N THR D 67 -0.53 -7.66 12.58
CA THR D 67 -1.18 -6.35 12.52
C THR D 67 -1.12 -5.50 13.80
N PRO D 68 -1.10 -6.13 14.99
CA PRO D 68 -1.04 -5.27 16.16
C PRO D 68 0.21 -4.37 16.20
N PHE D 69 1.30 -4.84 15.59
CA PHE D 69 2.54 -4.08 15.59
C PHE D 69 2.55 -2.88 14.65
N GLU D 70 1.53 -2.76 13.82
CA GLU D 70 1.46 -1.63 12.91
C GLU D 70 1.11 -0.34 13.65
N HIS D 71 0.67 -0.45 14.90
CA HIS D 71 0.31 0.74 15.68
C HIS D 71 1.50 1.39 16.39
N ILE D 72 2.68 0.83 16.22
CA ILE D 72 3.90 1.39 16.77
C ILE D 72 4.57 2.03 15.54
N VAL D 73 4.84 3.33 15.60
CA VAL D 73 5.41 4.03 14.46
C VAL D 73 6.66 4.82 14.83
N PHE D 74 7.65 4.80 13.95
CA PHE D 74 8.93 5.48 14.15
C PHE D 74 9.20 6.48 13.04
N THR D 75 9.92 7.56 13.37
CA THR D 75 10.37 8.50 12.37
C THR D 75 11.88 8.63 12.58
N PHE D 76 12.65 8.29 11.55
CA PHE D 76 14.09 8.38 11.58
C PHE D 76 14.59 9.46 10.62
N HIS D 77 15.78 9.98 10.90
CA HIS D 77 16.46 10.96 10.05
C HIS D 77 17.74 10.21 9.71
N VAL D 78 17.95 9.97 8.41
CA VAL D 78 19.08 9.19 7.93
C VAL D 78 19.97 9.93 6.94
N LYS D 79 21.29 9.72 7.05
CA LYS D 79 22.25 10.29 6.09
C LYS D 79 22.97 9.06 5.56
N ALA D 80 22.81 8.79 4.26
CA ALA D 80 23.37 7.60 3.64
C ALA D 80 23.71 7.88 2.19
N PRO D 81 24.63 7.07 1.60
CA PRO D 81 25.02 7.24 0.20
C PRO D 81 23.83 6.89 -0.70
N ILE D 82 23.76 7.50 -1.88
CA ILE D 82 22.65 7.22 -2.78
C ILE D 82 22.49 5.74 -3.12
N PHE D 83 23.58 4.99 -3.32
CA PHE D 83 23.41 3.59 -3.66
C PHE D 83 22.73 2.82 -2.51
N VAL D 84 22.93 3.28 -1.28
CA VAL D 84 22.27 2.66 -0.13
C VAL D 84 20.80 3.11 -0.12
N ALA D 85 20.58 4.41 -0.33
CA ALA D 85 19.22 4.94 -0.32
C ALA D 85 18.34 4.28 -1.40
N ARG D 86 18.92 3.98 -2.56
CA ARG D 86 18.18 3.33 -3.66
C ARG D 86 17.59 2.01 -3.19
N GLN D 87 18.37 1.25 -2.43
CA GLN D 87 17.90 -0.03 -1.93
C GLN D 87 16.86 0.19 -0.82
N TRP D 88 17.14 1.14 0.06
CA TRP D 88 16.24 1.43 1.16
C TRP D 88 14.84 1.84 0.70
N PHE D 89 14.81 2.75 -0.27
CA PHE D 89 13.55 3.27 -0.78
C PHE D 89 12.72 2.25 -1.55
N ARG D 90 13.25 1.05 -1.76
CA ARG D 90 12.46 0.01 -2.40
C ARG D 90 11.39 -0.51 -1.41
N HIS D 91 11.55 -0.17 -0.12
CA HIS D 91 10.59 -0.55 0.91
C HIS D 91 9.41 0.43 0.82
N ARG D 92 8.39 0.01 0.09
CA ARG D 92 7.21 0.83 -0.20
C ARG D 92 6.26 1.11 0.95
N ILE D 93 6.20 0.23 1.94
CA ILE D 93 5.28 0.44 3.04
C ILE D 93 5.98 1.30 4.10
N ALA D 94 6.08 2.59 3.78
CA ALA D 94 6.76 3.57 4.60
C ALA D 94 6.59 4.93 3.91
N SER D 95 7.00 5.99 4.59
CA SER D 95 6.95 7.35 4.06
C SER D 95 8.36 7.93 4.04
N TYR D 96 8.67 8.69 2.98
CA TYR D 96 9.99 9.29 2.80
C TYR D 96 9.96 10.73 2.33
N ASN D 97 10.92 11.53 2.79
CA ASN D 97 11.10 12.88 2.26
C ASN D 97 12.61 13.03 2.24
N GLU D 98 13.13 13.34 1.06
CA GLU D 98 14.56 13.41 0.82
C GLU D 98 15.09 14.70 0.22
N LEU D 99 16.37 14.95 0.49
CA LEU D 99 17.10 16.09 -0.07
C LEU D 99 17.03 15.99 -1.60
N SER D 100 16.88 17.13 -2.27
CA SER D 100 16.78 17.15 -3.72
C SER D 100 17.98 17.75 -4.45
N GLY D 101 18.51 17.02 -5.42
CA GLY D 101 19.62 17.50 -6.21
C GLY D 101 19.11 18.46 -7.28
N ARG D 102 17.79 18.49 -7.49
CA ARG D 102 17.22 19.41 -8.47
C ARG D 102 17.12 20.79 -7.84
N TYR D 103 16.84 20.83 -6.55
CA TYR D 103 16.66 22.10 -5.86
C TYR D 103 17.83 22.62 -5.04
N SER D 104 18.62 21.74 -4.46
CA SER D 104 19.74 22.14 -3.62
C SER D 104 21.11 22.03 -4.30
N LYS D 105 22.00 22.96 -3.93
CA LYS D 105 23.36 22.93 -4.44
C LYS D 105 23.94 21.85 -3.54
N LEU D 106 24.57 20.84 -4.14
CA LEU D 106 25.12 19.74 -3.38
C LEU D 106 26.51 19.98 -2.79
N SER D 107 26.70 19.52 -1.56
CA SER D 107 27.96 19.67 -0.86
C SER D 107 28.93 18.53 -1.16
N TYR D 108 30.20 18.73 -0.81
CA TYR D 108 31.25 17.74 -1.04
C TYR D 108 31.20 16.66 0.05
N GLU D 109 30.20 15.79 -0.04
CA GLU D 109 30.02 14.72 0.93
C GLU D 109 29.84 13.39 0.20
N PHE D 110 30.89 12.57 0.22
CA PHE D 110 30.85 11.28 -0.47
C PHE D 110 31.36 10.17 0.43
N TYR D 111 30.87 8.96 0.19
CA TYR D 111 31.28 7.79 0.94
C TYR D 111 32.52 7.20 0.29
N ILE D 112 33.62 7.24 1.03
CA ILE D 112 34.90 6.70 0.56
C ILE D 112 35.20 5.51 1.47
N PRO D 113 35.11 4.29 0.92
CA PRO D 113 35.38 3.06 1.68
C PRO D 113 36.81 3.01 2.16
N SER D 114 37.03 2.46 3.35
CA SER D 114 38.39 2.32 3.87
C SER D 114 38.89 1.02 3.27
N PRO D 115 40.22 0.84 3.22
CA PRO D 115 40.81 -0.39 2.66
C PRO D 115 40.22 -1.66 3.25
N GLU D 116 39.86 -1.59 4.53
CA GLU D 116 39.29 -2.73 5.25
C GLU D 116 38.02 -3.28 4.60
N ARG D 117 37.39 -2.48 3.74
CA ARG D 117 36.17 -2.90 3.06
C ARG D 117 36.41 -4.09 2.13
N LEU D 118 37.66 -4.29 1.74
CA LEU D 118 37.99 -5.38 0.82
C LEU D 118 38.57 -6.62 1.47
N GLU D 119 38.53 -6.68 2.81
CA GLU D 119 39.06 -7.83 3.50
C GLU D 119 38.32 -9.10 3.09
N GLY D 120 39.08 -10.10 2.62
CA GLY D 120 38.47 -11.34 2.20
C GLY D 120 38.55 -11.50 0.68
N TYR D 121 38.94 -10.43 0.01
CA TYR D 121 39.05 -10.46 -1.45
C TYR D 121 40.49 -10.28 -1.89
N LYS D 122 40.95 -11.13 -2.81
CA LYS D 122 42.30 -11.04 -3.33
C LYS D 122 42.22 -10.18 -4.60
N THR D 123 42.75 -8.97 -4.52
CA THR D 123 42.71 -8.05 -5.66
C THR D 123 44.07 -7.77 -6.29
N THR D 124 44.05 -7.53 -7.60
CA THR D 124 45.27 -7.22 -8.34
C THR D 124 45.79 -5.86 -7.93
N ILE D 125 44.89 -5.06 -7.37
CA ILE D 125 45.23 -3.72 -6.92
C ILE D 125 45.17 -3.64 -5.40
N PRO D 126 46.18 -3.03 -4.76
CA PRO D 126 46.19 -2.91 -3.31
C PRO D 126 44.93 -2.17 -2.83
N PRO D 127 44.30 -2.65 -1.75
CA PRO D 127 43.09 -2.03 -1.21
C PRO D 127 43.22 -0.52 -1.05
N GLU D 128 44.35 -0.09 -0.52
CA GLU D 128 44.60 1.35 -0.33
C GLU D 128 44.50 2.08 -1.66
N ARG D 129 44.93 1.43 -2.73
CA ARG D 129 44.88 2.03 -4.06
C ARG D 129 43.45 2.19 -4.54
N VAL D 130 42.58 1.26 -4.13
CA VAL D 130 41.17 1.30 -4.51
C VAL D 130 40.52 2.52 -3.87
N THR D 131 40.82 2.75 -2.60
CA THR D 131 40.28 3.89 -1.87
C THR D 131 40.69 5.17 -2.59
N GLU D 132 41.98 5.25 -2.94
CA GLU D 132 42.50 6.41 -3.63
C GLU D 132 41.83 6.65 -4.99
N LYS D 133 41.60 5.58 -5.74
CA LYS D 133 40.95 5.69 -7.04
C LYS D 133 39.53 6.22 -6.93
N ILE D 134 38.82 5.78 -5.89
CA ILE D 134 37.45 6.23 -5.67
C ILE D 134 37.46 7.71 -5.28
N SER D 135 38.41 8.09 -4.43
CA SER D 135 38.53 9.49 -4.02
C SER D 135 38.81 10.37 -5.24
N GLU D 136 39.63 9.86 -6.14
CA GLU D 136 39.98 10.60 -7.35
C GLU D 136 38.73 10.92 -8.20
N ILE D 137 37.92 9.90 -8.44
CA ILE D 137 36.70 10.06 -9.22
C ILE D 137 35.78 11.07 -8.55
N VAL D 138 35.60 10.92 -7.25
CA VAL D 138 34.77 11.82 -6.48
C VAL D 138 35.21 13.26 -6.68
N ASP D 139 36.51 13.50 -6.51
CA ASP D 139 37.01 14.86 -6.66
C ASP D 139 36.84 15.42 -8.07
N LYS D 140 37.15 14.63 -9.10
CA LYS D 140 37.01 15.11 -10.47
C LYS D 140 35.56 15.35 -10.86
N ALA D 141 34.67 14.46 -10.41
CA ALA D 141 33.25 14.60 -10.72
C ALA D 141 32.66 15.82 -10.01
N TYR D 142 32.98 16.00 -8.73
CA TYR D 142 32.45 17.14 -7.98
C TYR D 142 32.96 18.45 -8.59
N ARG D 143 34.24 18.50 -8.96
CA ARG D 143 34.79 19.71 -9.56
C ARG D 143 34.05 20.00 -10.87
N THR D 144 33.77 18.96 -11.64
CA THR D 144 33.05 19.11 -12.90
C THR D 144 31.66 19.68 -12.61
N TYR D 145 31.02 19.12 -11.59
CA TYR D 145 29.69 19.56 -11.17
C TYR D 145 29.70 21.06 -10.86
N LEU D 146 30.66 21.49 -10.04
CA LEU D 146 30.77 22.89 -9.66
C LEU D 146 31.02 23.79 -10.86
N GLU D 147 31.89 23.36 -11.76
CA GLU D 147 32.21 24.13 -12.95
C GLU D 147 30.96 24.35 -13.80
N LEU D 148 30.14 23.31 -13.94
CA LEU D 148 28.92 23.39 -14.73
C LEU D 148 27.91 24.38 -14.15
N ILE D 149 27.67 24.27 -12.84
CA ILE D 149 26.72 25.16 -12.20
C ILE D 149 27.19 26.62 -12.25
N GLU D 150 28.48 26.82 -12.05
CA GLU D 150 29.04 28.16 -12.07
C GLU D 150 28.98 28.75 -13.47
N SER D 151 28.90 27.89 -14.47
CA SER D 151 28.83 28.33 -15.87
C SER D 151 27.42 28.72 -16.30
N GLY D 152 26.41 28.14 -15.65
CA GLY D 152 25.04 28.46 -16.01
C GLY D 152 24.16 27.24 -16.24
N VAL D 153 24.75 26.05 -16.12
CA VAL D 153 23.99 24.82 -16.31
C VAL D 153 23.07 24.60 -15.11
N PRO D 154 21.77 24.33 -15.35
CA PRO D 154 20.85 24.11 -14.24
C PRO D 154 21.31 22.94 -13.37
N ARG D 155 21.08 23.06 -12.06
CA ARG D 155 21.47 22.04 -11.10
C ARG D 155 21.02 20.64 -11.46
N GLU D 156 19.76 20.50 -11.86
CA GLU D 156 19.19 19.20 -12.19
C GLU D 156 19.91 18.46 -13.32
N VAL D 157 20.66 19.21 -14.12
CA VAL D 157 21.43 18.64 -15.22
C VAL D 157 22.89 18.43 -14.79
N ALA D 158 23.45 19.43 -14.13
CA ALA D 158 24.84 19.34 -13.67
C ALA D 158 25.08 18.16 -12.73
N ARG D 159 24.10 17.82 -11.90
CA ARG D 159 24.30 16.71 -10.96
C ARG D 159 24.35 15.32 -11.55
N ILE D 160 24.05 15.16 -12.83
CA ILE D 160 24.07 13.81 -13.40
C ILE D 160 25.46 13.21 -13.49
N VAL D 161 26.50 14.03 -13.33
CA VAL D 161 27.87 13.53 -13.39
C VAL D 161 28.37 13.04 -12.02
N LEU D 162 27.58 13.28 -10.96
CA LEU D 162 27.99 12.86 -9.62
C LEU D 162 27.79 11.35 -9.41
N PRO D 163 28.76 10.70 -8.76
CA PRO D 163 28.72 9.26 -8.49
C PRO D 163 27.71 8.79 -7.45
N LEU D 164 27.39 7.51 -7.53
CA LEU D 164 26.43 6.89 -6.63
C LEU D 164 26.82 6.93 -5.15
N ASN D 165 28.06 7.30 -4.84
CA ASN D 165 28.47 7.34 -3.43
C ASN D 165 28.24 8.69 -2.77
N LEU D 166 27.60 9.60 -3.48
CA LEU D 166 27.27 10.91 -2.92
C LEU D 166 26.30 10.68 -1.76
N TYR D 167 26.46 11.42 -0.66
CA TYR D 167 25.55 11.27 0.47
C TYR D 167 24.29 12.09 0.27
N THR D 168 23.18 11.53 0.76
CA THR D 168 21.90 12.21 0.71
C THR D 168 21.34 12.12 2.14
N ARG D 169 20.22 12.78 2.38
CA ARG D 169 19.60 12.78 3.70
C ARG D 169 18.10 12.63 3.54
N PHE D 170 17.46 11.90 4.44
CA PHE D 170 16.01 11.74 4.36
C PHE D 170 15.34 11.44 5.68
N PHE D 171 14.04 11.73 5.75
CA PHE D 171 13.24 11.37 6.90
C PHE D 171 12.50 10.11 6.45
N TRP D 172 12.38 9.14 7.36
CA TRP D 172 11.72 7.87 7.10
C TRP D 172 10.72 7.58 8.21
N THR D 173 9.43 7.49 7.89
CA THR D 173 8.42 7.16 8.92
C THR D 173 7.95 5.76 8.53
N VAL D 174 7.98 4.84 9.50
CA VAL D 174 7.68 3.45 9.24
C VAL D 174 7.11 2.78 10.50
N ASN D 175 6.14 1.88 10.35
CA ASN D 175 5.61 1.20 11.53
C ASN D 175 6.43 -0.04 11.83
N ALA D 176 6.25 -0.58 13.03
CA ALA D 176 7.04 -1.73 13.46
C ALA D 176 6.93 -2.97 12.59
N ARG D 177 5.76 -3.21 12.00
CA ARG D 177 5.63 -4.39 11.16
C ARG D 177 6.50 -4.26 9.91
N SER D 178 6.46 -3.09 9.26
CA SER D 178 7.28 -2.89 8.08
C SER D 178 8.75 -2.82 8.47
N LEU D 179 9.03 -2.28 9.65
CA LEU D 179 10.39 -2.19 10.13
C LEU D 179 10.97 -3.59 10.32
N MET D 180 10.17 -4.52 10.84
CA MET D 180 10.64 -5.90 11.02
C MET D 180 10.91 -6.54 9.66
N ASN D 181 10.10 -6.21 8.65
CA ASN D 181 10.35 -6.73 7.32
C ASN D 181 11.69 -6.19 6.83
N PHE D 182 11.93 -4.89 7.05
CA PHE D 182 13.16 -4.26 6.66
C PHE D 182 14.36 -4.98 7.33
N LEU D 183 14.26 -5.27 8.62
CA LEU D 183 15.35 -5.97 9.31
C LEU D 183 15.56 -7.39 8.79
N ASN D 184 14.47 -8.09 8.46
CA ASN D 184 14.61 -9.45 7.92
C ASN D 184 15.43 -9.46 6.64
N LEU D 185 15.22 -8.44 5.82
CA LEU D 185 15.89 -8.34 4.53
C LEU D 185 17.22 -7.63 4.50
N ARG D 186 17.38 -6.61 5.35
CA ARG D 186 18.59 -5.82 5.34
C ARG D 186 19.61 -6.14 6.43
N ALA D 187 19.15 -6.69 7.54
CA ALA D 187 20.05 -7.08 8.63
C ALA D 187 20.27 -8.56 8.30
N ASP D 188 20.90 -8.77 7.15
CA ASP D 188 21.17 -10.11 6.63
C ASP D 188 22.44 -10.06 5.78
N SER D 189 23.22 -11.15 5.81
CA SER D 189 24.47 -11.19 5.06
C SER D 189 24.35 -11.09 3.55
N HIS D 190 23.16 -11.37 3.00
CA HIS D 190 22.95 -11.27 1.56
C HIS D 190 22.77 -9.82 1.12
N ALA D 191 22.40 -8.97 2.07
CA ALA D 191 22.21 -7.55 1.77
C ALA D 191 23.59 -6.92 1.64
N GLN D 192 23.70 -5.83 0.90
CA GLN D 192 24.99 -5.18 0.74
C GLN D 192 25.51 -4.74 2.11
N TRP D 193 26.81 -4.98 2.36
CA TRP D 193 27.40 -4.64 3.64
C TRP D 193 27.03 -3.25 4.16
N GLU D 194 27.09 -2.24 3.29
CA GLU D 194 26.77 -0.89 3.71
C GLU D 194 25.37 -0.73 4.28
N ILE D 195 24.36 -1.34 3.67
CA ILE D 195 23.02 -1.19 4.24
C ILE D 195 22.89 -2.06 5.48
N GLN D 196 23.68 -3.15 5.57
CA GLN D 196 23.63 -3.96 6.78
C GLN D 196 23.98 -3.10 7.99
N GLN D 197 24.96 -2.22 7.83
CA GLN D 197 25.38 -1.35 8.93
C GLN D 197 24.24 -0.44 9.38
N TYR D 198 23.51 0.11 8.42
CA TYR D 198 22.37 0.95 8.77
C TYR D 198 21.29 0.13 9.45
N ALA D 199 21.06 -1.09 8.97
CA ALA D 199 20.05 -1.96 9.56
C ALA D 199 20.37 -2.26 11.02
N LEU D 200 21.67 -2.42 11.31
CA LEU D 200 22.09 -2.70 12.69
C LEU D 200 21.77 -1.53 13.59
N ALA D 201 21.96 -0.31 13.08
CA ALA D 201 21.65 0.89 13.85
C ALA D 201 20.14 0.99 14.07
N ILE D 202 19.37 0.73 13.02
CA ILE D 202 17.91 0.75 13.12
C ILE D 202 17.47 -0.29 14.17
N ALA D 203 18.09 -1.47 14.14
CA ALA D 203 17.74 -2.52 15.08
C ALA D 203 17.99 -2.10 16.52
N ARG D 204 19.12 -1.44 16.76
CA ARG D 204 19.50 -1.00 18.09
C ARG D 204 18.47 -0.01 18.66
N ILE D 205 18.01 0.90 17.83
CA ILE D 205 17.01 1.87 18.28
C ILE D 205 15.67 1.19 18.53
N PHE D 206 15.33 0.25 17.67
CA PHE D 206 14.09 -0.51 17.79
C PHE D 206 14.12 -1.24 19.15
N LYS D 207 15.23 -1.91 19.42
CA LYS D 207 15.40 -2.64 20.67
C LYS D 207 15.24 -1.74 21.89
N GLU D 208 15.79 -0.54 21.83
CA GLU D 208 15.72 0.42 22.94
C GLU D 208 14.30 0.88 23.24
N LYS D 209 13.50 1.08 22.19
CA LYS D 209 12.13 1.57 22.37
C LYS D 209 11.09 0.48 22.57
N CYS D 210 11.29 -0.68 21.96
CA CYS D 210 10.34 -1.78 22.09
C CYS D 210 11.11 -3.07 22.37
N PRO D 211 11.72 -3.16 23.57
CA PRO D 211 12.48 -4.35 23.93
C PRO D 211 11.73 -5.68 23.88
N TRP D 212 10.49 -5.69 24.30
CA TRP D 212 9.72 -6.94 24.27
C TRP D 212 9.49 -7.38 22.83
N THR D 213 9.04 -6.45 21.99
CA THR D 213 8.78 -6.76 20.59
C THR D 213 10.05 -7.20 19.90
N PHE D 214 11.15 -6.47 20.14
CA PHE D 214 12.40 -6.81 19.51
C PHE D 214 12.88 -8.19 19.93
N GLU D 215 12.85 -8.47 21.23
CA GLU D 215 13.31 -9.77 21.70
C GLU D 215 12.45 -10.90 21.13
N ALA D 216 11.14 -10.72 21.15
CA ALA D 216 10.23 -11.73 20.63
C ALA D 216 10.50 -11.94 19.14
N PHE D 217 10.69 -10.84 18.42
CA PHE D 217 10.99 -10.86 17.00
C PHE D 217 12.25 -11.71 16.72
N LEU D 218 13.32 -11.45 17.46
CA LEU D 218 14.56 -12.21 17.26
C LEU D 218 14.39 -13.70 17.56
N LYS D 219 13.62 -14.00 18.60
CA LYS D 219 13.43 -15.39 18.99
C LYS D 219 12.52 -16.21 18.09
N TYR D 220 11.44 -15.61 17.58
CA TYR D 220 10.49 -16.36 16.76
C TYR D 220 10.19 -15.95 15.32
N ALA D 221 10.57 -14.75 14.91
CA ALA D 221 10.21 -14.34 13.55
C ALA D 221 11.33 -13.85 12.65
N TYR D 222 12.41 -13.35 13.24
CA TYR D 222 13.53 -12.85 12.46
C TYR D 222 14.12 -13.94 11.56
N LYS D 223 14.17 -13.64 10.26
CA LYS D 223 14.68 -14.57 9.26
C LYS D 223 16.10 -14.29 8.80
N GLY D 224 16.68 -13.20 9.30
CA GLY D 224 18.04 -12.86 8.91
C GLY D 224 19.06 -13.58 9.76
N ASP D 225 20.34 -13.34 9.49
CA ASP D 225 21.37 -14.02 10.26
C ASP D 225 22.25 -13.13 11.14
N ILE D 226 22.59 -11.93 10.66
CA ILE D 226 23.47 -11.08 11.44
C ILE D 226 23.03 -10.67 12.85
N LEU D 227 21.75 -10.42 13.07
CA LEU D 227 21.31 -10.04 14.41
C LEU D 227 21.47 -11.19 15.41
N LYS D 228 21.60 -12.40 14.88
CA LYS D 228 21.78 -13.58 15.74
C LYS D 228 23.24 -13.65 16.15
N GLU D 229 24.12 -13.19 15.27
CA GLU D 229 25.56 -13.23 15.52
C GLU D 229 26.13 -11.96 16.14
N VAL D 230 25.38 -10.85 16.02
CA VAL D 230 25.84 -9.59 16.58
C VAL D 230 24.88 -9.13 17.69
N1 UMP E . 18.14 -3.73 -4.88
C2 UMP E . 17.92 -3.67 -3.45
N3 UMP E . 18.87 -4.37 -2.68
C4 UMP E . 19.99 -5.10 -3.16
C5 UMP E . 20.16 -5.11 -4.58
C6 UMP E . 19.28 -4.46 -5.37
O2 UMP E . 16.99 -3.09 -2.92
O4 UMP E . 20.74 -5.67 -2.36
C1' UMP E . 17.19 -3.05 -5.81
C2' UMP E . 17.68 -1.62 -5.51
C3' UMP E . 17.64 -0.92 -6.94
C4' UMP E . 17.94 -2.00 -7.98
O3' UMP E . 16.29 -0.47 -7.22
O4' UMP E . 17.44 -3.19 -7.27
C5' UMP E . 19.43 -2.19 -8.28
O5' UMP E . 20.18 -2.13 -7.06
P UMP E . 21.75 -2.32 -7.01
OP1 UMP E . 22.22 -1.80 -5.70
OP2 UMP E . 22.05 -3.74 -7.11
OP3 UMP E . 22.39 -1.61 -8.11
PA FAD F . 2.53 6.82 -4.78
O1A FAD F . 2.54 5.89 -5.94
O2A FAD F . 3.65 6.61 -3.76
O5B FAD F . 1.19 6.85 -4.11
C5B FAD F . -0.12 7.03 -4.83
C4B FAD F . -1.28 7.42 -3.84
O4B FAD F . -1.41 6.49 -2.76
C3B FAD F . -0.92 8.79 -3.31
O3B FAD F . -1.16 9.97 -4.15
C2B FAD F . -1.72 8.77 -1.96
O2B FAD F . -3.10 9.12 -2.14
C1B FAD F . -1.09 7.34 -1.64
N9A FAD F . -0.20 6.82 -0.70
C8A FAD F . 0.78 5.87 -0.99
N7A FAD F . 1.42 5.61 0.05
C5A FAD F . 0.96 6.33 1.11
C6A FAD F . 1.25 6.49 2.49
N6A FAD F . 2.23 5.78 3.05
N1A FAD F . 0.47 7.39 3.23
C2A FAD F . -0.56 8.14 2.68
N3A FAD F . -0.93 8.07 1.36
C4A FAD F . -0.14 7.15 0.60
N1 FAD F . 10.31 13.79 -2.87
C2 FAD F . 11.22 14.10 -1.92
O2 FAD F . 11.46 13.31 -1.01
N3 FAD F . 11.92 15.35 -1.99
C4 FAD F . 11.70 16.33 -3.02
O4 FAD F . 12.32 17.39 -3.02
C4X FAD F . 10.70 15.99 -4.03
N5 FAD F . 10.38 16.86 -5.09
C5X FAD F . 9.43 16.49 -6.03
C6 FAD F . 9.14 17.42 -7.11
C7 FAD F . 8.17 17.08 -8.15
C7M FAD F . 7.91 18.09 -9.26
C8 FAD F . 7.47 15.75 -8.09
C8M FAD F . 6.43 15.29 -9.11
C9 FAD F . 7.76 14.83 -7.01
C9A FAD F . 8.74 15.15 -5.96
N10 FAD F . 9.06 14.31 -4.92
C10 FAD F . 10.02 14.67 -3.92
C1' FAD F . 8.46 12.96 -4.74
C2' FAD F . 7.11 13.07 -4.01
O2' FAD F . 7.34 13.41 -2.64
C3' FAD F . 6.38 11.69 -4.11
O3' FAD F . 7.16 10.68 -3.44
C4' FAD F . 6.20 11.21 -5.58
O4' FAD F . 5.50 12.18 -6.33
C5' FAD F . 5.40 9.94 -5.59
O5' FAD F . 3.94 10.29 -5.38
P FAD F . 2.78 9.74 -4.62
O1P FAD F . 2.96 9.62 -3.18
O2P FAD F . 1.58 10.57 -4.89
O3P FAD F . 2.62 8.32 -5.25
C1 PGE G . -13.09 7.09 -4.44
O1 PGE G . -12.60 5.95 -5.15
C2 PGE G . -14.58 6.99 -4.09
O2 PGE G . -15.41 6.87 -5.29
C3 PGE G . -16.74 6.39 -5.08
C4 PGE G . -16.71 4.88 -5.34
O4 PGE G . -19.03 3.52 -8.60
C6 PGE G . -18.51 2.95 -7.36
C5 PGE G . -17.06 3.37 -7.25
O3 PGE G . -17.01 4.73 -6.74
N1 UMP H . -19.13 1.64 0.27
C2 UMP H . -18.47 2.66 1.01
N3 UMP H . -19.22 3.85 1.18
C4 UMP H . -20.54 4.10 0.70
C5 UMP H . -21.15 3.03 -0.03
C6 UMP H . -20.46 1.88 -0.22
O2 UMP H . -17.35 2.55 1.45
O4 UMP H . -21.08 5.19 0.90
C1' UMP H . -18.41 0.34 0.01
C2' UMP H . -18.55 -0.22 1.46
C3' UMP H . -18.82 -1.77 1.20
C4' UMP H . -19.63 -1.86 -0.09
O3' UMP H . -17.58 -2.47 0.95
O4' UMP H . -19.13 -0.65 -0.80
C5' UMP H . -21.15 -1.74 0.09
O5' UMP H . -21.46 -0.67 1.02
P UMP H . -22.95 -0.28 1.39
OP1 UMP H . -22.90 0.47 2.68
OP2 UMP H . -23.48 0.57 0.32
OP3 UMP H . -23.77 -1.49 1.53
PA FAD I . -2.76 -7.23 3.52
O1A FAD I . -3.27 -7.57 2.16
O2A FAD I . -3.54 -6.14 4.23
O5B FAD I . -1.29 -6.94 3.48
C5B FAD I . -0.26 -7.87 2.80
C4B FAD I . 1.20 -7.50 3.24
O4B FAD I . 1.51 -6.12 3.05
C3B FAD I . 1.27 -7.85 4.71
O3B FAD I . 1.39 -9.25 5.09
C2B FAD I . 2.45 -6.94 5.15
O2B FAD I . 3.73 -7.53 4.87
C1B FAD I . 1.72 -5.72 4.43
N9A FAD I . 1.13 -4.53 4.80
C8A FAD I . -0.02 -4.01 4.21
N7A FAD I . -0.33 -2.94 4.77
C5A FAD I . 0.54 -2.63 5.76
C6A FAD I . 0.73 -1.59 6.71
N6A FAD I . -0.13 -0.56 6.75
N1A FAD I . 1.83 -1.67 7.61
C2A FAD I . 2.74 -2.74 7.58
N3A FAD I . 2.66 -3.79 6.69
C4A FAD I . 1.54 -3.70 5.79
N1 FAD I . -8.23 -8.66 12.48
C2 FAD I . -8.72 -7.96 13.53
O2 FAD I . -8.80 -6.74 13.48
N3 FAD I . -9.16 -8.65 14.71
C4 FAD I . -9.09 -10.07 14.84
O4 FAD I . -9.49 -10.61 15.88
C4X FAD I . -8.54 -10.83 13.71
N5 FAD I . -8.43 -12.24 13.74
C5X FAD I . -7.92 -12.92 12.63
C6 FAD I . -7.83 -14.37 12.67
C7 FAD I . -7.31 -15.13 11.52
C7M FAD I . -7.23 -16.63 11.59
C8 FAD I . -6.90 -14.37 10.29
C8M FAD I . -6.37 -15.05 9.03
C9 FAD I . -7.00 -12.94 10.26
C9A FAD I . -7.50 -12.16 11.39
N10 FAD I . -7.62 -10.79 11.40
C10 FAD I . -8.13 -10.06 12.52
C1' FAD I . -7.25 -9.94 10.23
C2' FAD I . -5.73 -9.65 10.26
O2' FAD I . -5.44 -8.77 11.34
C3' FAD I . -5.31 -9.01 8.90
O3' FAD I . -5.99 -7.73 8.74
C4' FAD I . -5.70 -9.89 7.70
O4' FAD I . -5.13 -11.20 7.82
C5' FAD I . -5.18 -9.27 6.42
O5' FAD I . -3.69 -9.58 6.34
P FAD I . -2.46 -8.82 5.96
O1P FAD I . -2.22 -7.62 6.75
O2P FAD I . -1.29 -9.72 6.08
O3P FAD I . -2.72 -8.48 4.46
C1 PGE J . -17.22 -5.67 2.68
O1 PGE J . -18.64 -5.61 2.77
C2 PGE J . -16.55 -4.55 3.46
O2 PGE J . -15.55 -5.10 4.35
C3 PGE J . -14.54 -4.18 4.78
C4 PGE J . -13.97 -4.83 6.02
O4 PGE J . -15.99 -4.90 10.24
C6 PGE J . -15.43 -3.95 9.31
C5 PGE J . -14.56 -4.75 8.38
O3 PGE J . -14.83 -4.31 7.04
C1 PGE K . 10.77 -9.40 -1.34
O1 PGE K . 10.71 -10.18 -0.16
C2 PGE K . 11.86 -9.83 -2.32
O2 PGE K . 13.19 -9.75 -1.72
C3 PGE K . 14.09 -10.81 -2.07
C4 PGE K . 15.03 -10.24 -3.15
O4 PGE K . 14.28 -9.16 -7.67
C6 PGE K . 14.05 -10.27 -6.76
C5 PGE K . 15.01 -10.07 -5.60
O3 PGE K . 14.35 -10.51 -4.39
PA FAD L . -7.52 4.26 0.46
O1A FAD L . -7.23 4.57 1.89
O2A FAD L . -7.88 2.83 0.16
O5B FAD L . -6.43 4.77 -0.44
C5B FAD L . -5.85 6.18 -0.36
C4B FAD L . -5.05 6.52 -1.66
O4B FAD L . -4.04 5.54 -1.94
C3B FAD L . -6.08 6.58 -2.77
O3B FAD L . -6.93 7.76 -2.90
C2B FAD L . -5.15 6.30 -3.99
O2B FAD L . -4.48 7.47 -4.45
C1B FAD L . -4.55 5.04 -3.21
N9A FAD L . -4.54 3.67 -3.38
C8A FAD L . -4.65 2.75 -2.33
N7A FAD L . -4.62 1.58 -2.80
C5A FAD L . -4.50 1.59 -4.16
C6A FAD L . -4.42 0.66 -5.24
N6A FAD L . -4.46 -0.65 -5.00
N1A FAD L . -4.28 1.17 -6.56
C2A FAD L . -4.24 2.53 -6.84
N3A FAD L . -4.31 3.51 -5.89
C4A FAD L . -4.44 3.00 -4.55
N1 FAD L . -17.03 1.01 -2.98
C2 FAD L . -17.62 -0.02 -3.62
O2 FAD L . -17.01 -1.08 -3.79
N3 FAD L . -18.95 0.10 -4.09
C4 FAD L . -19.73 1.30 -3.95
O4 FAD L . -20.88 1.34 -4.37
C4X FAD L . -19.08 2.42 -3.28
N5 FAD L . -19.75 3.65 -3.09
C5X FAD L . -19.10 4.67 -2.43
C6 FAD L . -19.83 5.93 -2.24
C7 FAD L . -19.20 7.04 -1.54
C7M FAD L . -19.97 8.33 -1.35
C8 FAD L . -17.80 6.87 -1.00
C8M FAD L . -17.05 7.95 -0.25
C9 FAD L . -17.10 5.64 -1.19
C9A FAD L . -17.69 4.50 -1.90
N10 FAD L . -17.07 3.30 -2.10
C10 FAD L . -17.70 2.22 -2.79
C1' FAD L . -15.70 3.01 -1.59
C2' FAD L . -14.64 3.52 -2.57
O2' FAD L . -14.67 2.70 -3.73
C3' FAD L . -13.24 3.46 -1.87
O3' FAD L . -12.93 2.08 -1.55
C4' FAD L . -13.21 4.27 -0.53
O4' FAD L . -13.58 5.63 -0.74
C5' FAD L . -11.80 4.26 0.06
O5' FAD L . -10.97 5.25 -0.72
P FAD L . -9.59 5.29 -1.32
O1P FAD L . -9.31 4.21 -2.28
O2P FAD L . -9.39 6.60 -1.96
O3P FAD L . -8.70 5.16 -0.07
N1 UMP M . -11.13 -10.87 11.10
C2 UMP M . -10.64 -11.54 9.93
N3 UMP M . -10.61 -12.95 10.03
C4 UMP M . -11.00 -13.75 11.16
C5 UMP M . -11.47 -13.00 12.30
C6 UMP M . -11.53 -11.66 12.23
O2 UMP M . -10.27 -10.96 8.93
O4 UMP M . -10.91 -14.97 11.12
C1' UMP M . -11.18 -9.38 11.13
C2' UMP M . -12.41 -9.28 10.20
C3' UMP M . -13.25 -8.08 10.86
C4' UMP M . -13.00 -8.15 12.36
O3' UMP M . -12.72 -6.82 10.39
O4' UMP M . -11.65 -8.77 12.39
C5' UMP M . -13.99 -9.04 13.12
O5' UMP M . -14.19 -10.28 12.37
P UMP M . -15.13 -11.45 12.87
OP1 UMP M . -15.49 -12.27 11.69
OP2 UMP M . -14.39 -12.26 13.84
OP3 UMP M . -16.34 -10.88 13.49
PA FAD N . 7.85 -3.29 1.06
O1A FAD N . 8.09 -2.30 2.15
O2A FAD N . 7.82 -2.72 -0.35
O5B FAD N . 6.63 -4.13 1.34
C5B FAD N . 6.36 -4.83 2.66
C4B FAD N . 5.24 -5.93 2.52
O4B FAD N . 4.06 -5.41 1.92
C3B FAD N . 5.84 -7.01 1.62
O3B FAD N . 6.79 -7.93 2.21
C2B FAD N . 4.54 -7.66 1.06
O2B FAD N . 3.96 -8.60 1.95
C1B FAD N . 4.03 -6.18 0.69
N9A FAD N . 3.73 -5.49 -0.46
C8A FAD N . 4.01 -4.13 -0.66
N7A FAD N . 3.65 -3.79 -1.80
C5A FAD N . 3.10 -4.83 -2.48
C6A FAD N . 2.53 -5.07 -3.75
N6A FAD N . 2.44 -4.08 -4.63
N1A FAD N . 2.07 -6.38 -4.05
C2A FAD N . 2.15 -7.42 -3.15
N3A FAD N . 2.69 -7.30 -1.88
C4A FAD N . 3.16 -5.99 -1.58
N1 FAD N . 15.04 -5.56 -6.43
C2 FAD N . 15.19 -5.53 -7.77
O2 FAD N . 14.40 -4.92 -8.47
N3 FAD N . 16.30 -6.22 -8.37
C4 FAD N . 17.26 -6.96 -7.62
O4 FAD N . 18.19 -7.52 -8.21
C4X FAD N . 17.09 -7.00 -6.17
N5 FAD N . 17.98 -7.69 -5.32
C5X FAD N . 17.78 -7.67 -3.94
C6 FAD N . 18.73 -8.39 -3.09
C7 FAD N . 18.58 -8.37 -1.63
C7M FAD N . 19.59 -9.12 -0.78
C8 FAD N . 17.42 -7.61 -1.01
C8M FAD N . 17.18 -7.54 0.48
C9 FAD N . 16.49 -6.92 -1.86
C9A FAD N . 16.63 -6.91 -3.33
N10 FAD N . 15.78 -6.24 -4.18
C10 FAD N . 15.94 -6.25 -5.60
C1' FAD N . 14.61 -5.44 -3.69
C2' FAD N . 13.39 -6.35 -3.48
O2' FAD N . 12.91 -6.76 -4.74
C3' FAD N . 12.29 -5.54 -2.71
O3' FAD N . 11.88 -4.40 -3.50
C4' FAD N . 12.81 -5.01 -1.34
O4' FAD N . 13.30 -6.07 -0.54
C5' FAD N . 11.69 -4.31 -0.60
O5' FAD N . 10.86 -5.39 0.06
P FAD N . 9.39 -5.65 0.25
O1P FAD N . 8.62 -5.75 -1.00
O2P FAD N . 9.20 -6.90 1.01
O3P FAD N . 8.92 -4.42 1.09
N1 UMP O . 12.25 13.53 -6.30
C2 UMP O . 11.32 13.10 -7.30
N3 UMP O . 11.10 14.04 -8.32
C4 UMP O . 11.68 15.34 -8.46
C5 UMP O . 12.61 15.71 -7.42
C6 UMP O . 12.84 14.83 -6.42
O2 UMP O . 10.76 12.02 -7.26
O4 UMP O . 11.38 16.05 -9.41
C1' UMP O . 12.54 12.63 -5.14
C2' UMP O . 13.45 11.64 -5.94
C3' UMP O . 14.61 11.32 -4.88
C4' UMP O . 14.83 12.60 -4.09
O3' UMP O . 14.18 10.31 -3.94
O4' UMP O . 13.46 13.16 -4.12
C5' UMP O . 15.81 13.59 -4.72
O5' UMP O . 15.64 13.62 -6.17
P UMP O . 16.48 14.57 -7.09
OP1 UMP O . 16.24 14.12 -8.48
OP2 UMP O . 15.99 15.94 -6.90
OP3 UMP O . 17.92 14.52 -6.77
C1 PGE P . 16.66 7.49 -3.26
O1 PGE P . 17.61 8.46 -3.67
C2 PGE P . 15.76 6.99 -4.40
O2 PGE P . 15.23 5.66 -4.14
C3 PGE P . 14.14 5.27 -4.98
C4 PGE P . 14.49 3.86 -5.44
O4 PGE P . 17.21 2.59 -9.10
C6 PGE P . 16.00 3.33 -8.80
C5 PGE P . 15.56 2.90 -7.42
O3 PGE P . 15.09 4.08 -6.72
C1 PGE Q . -4.17 -12.63 13.21
O1 PGE Q . -2.89 -12.58 12.61
C2 PGE Q . -4.73 -11.27 13.67
O2 PGE Q . -3.89 -10.60 14.66
C3 PGE Q . -4.59 -9.67 15.50
C4 PGE Q . -4.43 -10.17 16.94
O4 PGE Q . -7.27 -13.27 17.68
C6 PGE Q . -5.94 -13.16 18.23
C5 PGE Q . -5.67 -11.68 18.44
O3 PGE Q . -5.55 -11.04 17.14
#